data_1BE5
# 
_entry.id   1BE5 
# 
_audit_conform.dict_name       mmcif_pdbx.dic 
_audit_conform.dict_version    5.392 
_audit_conform.dict_location   http://mmcif.pdb.org/dictionaries/ascii/mmcif_pdbx.dic 
# 
loop_
_database_2.database_id 
_database_2.database_code 
_database_2.pdbx_database_accession 
_database_2.pdbx_DOI 
PDB   1BE5         pdb_00001be5 10.2210/pdb1be5/pdb 
WWPDB D_1000171647 ?            ?                   
# 
loop_
_pdbx_audit_revision_history.ordinal 
_pdbx_audit_revision_history.data_content_type 
_pdbx_audit_revision_history.major_revision 
_pdbx_audit_revision_history.minor_revision 
_pdbx_audit_revision_history.revision_date 
1 'Structure model' 1 0 1998-08-12 
2 'Structure model' 1 1 2008-03-24 
3 'Structure model' 1 2 2011-07-13 
4 'Structure model' 1 3 2022-02-16 
5 'Structure model' 1 4 2024-05-22 
# 
_pdbx_audit_revision_details.ordinal             1 
_pdbx_audit_revision_details.revision_ordinal    1 
_pdbx_audit_revision_details.data_content_type   'Structure model' 
_pdbx_audit_revision_details.provider            repository 
_pdbx_audit_revision_details.type                'Initial release' 
_pdbx_audit_revision_details.description         ? 
_pdbx_audit_revision_details.details             ? 
# 
loop_
_pdbx_audit_revision_group.ordinal 
_pdbx_audit_revision_group.revision_ordinal 
_pdbx_audit_revision_group.data_content_type 
_pdbx_audit_revision_group.group 
1 2 'Structure model' 'Version format compliance' 
2 3 'Structure model' 'Version format compliance' 
3 4 'Structure model' 'Database references'       
4 4 'Structure model' 'Derived calculations'      
5 4 'Structure model' Other                       
6 5 'Structure model' 'Data collection'           
# 
loop_
_pdbx_audit_revision_category.ordinal 
_pdbx_audit_revision_category.revision_ordinal 
_pdbx_audit_revision_category.data_content_type 
_pdbx_audit_revision_category.category 
1 4 'Structure model' database_2            
2 4 'Structure model' pdbx_database_status  
3 4 'Structure model' pdbx_struct_assembly  
4 4 'Structure model' pdbx_struct_oper_list 
5 4 'Structure model' struct_conn           
6 5 'Structure model' chem_comp_atom        
7 5 'Structure model' chem_comp_bond        
# 
loop_
_pdbx_audit_revision_item.ordinal 
_pdbx_audit_revision_item.revision_ordinal 
_pdbx_audit_revision_item.data_content_type 
_pdbx_audit_revision_item.item 
1  4 'Structure model' '_database_2.pdbx_DOI'                
2  4 'Structure model' '_database_2.pdbx_database_accession' 
3  4 'Structure model' '_pdbx_database_status.process_site'  
4  4 'Structure model' '_struct_conn.pdbx_leaving_atom_flag' 
5  4 'Structure model' '_struct_conn.ptnr1_auth_comp_id'     
6  4 'Structure model' '_struct_conn.ptnr1_auth_seq_id'      
7  4 'Structure model' '_struct_conn.ptnr1_label_atom_id'    
8  4 'Structure model' '_struct_conn.ptnr1_label_comp_id'    
9  4 'Structure model' '_struct_conn.ptnr1_label_seq_id'     
10 4 'Structure model' '_struct_conn.ptnr2_auth_comp_id'     
11 4 'Structure model' '_struct_conn.ptnr2_auth_seq_id'      
12 4 'Structure model' '_struct_conn.ptnr2_label_atom_id'    
13 4 'Structure model' '_struct_conn.ptnr2_label_comp_id'    
14 4 'Structure model' '_struct_conn.ptnr2_label_seq_id'     
# 
_pdbx_database_status.status_code                     REL 
_pdbx_database_status.entry_id                        1BE5 
_pdbx_database_status.recvd_initial_deposition_date   1998-05-19 
_pdbx_database_status.deposit_site                    ? 
_pdbx_database_status.process_site                    BNL 
_pdbx_database_status.status_code_sf                  ? 
_pdbx_database_status.status_code_mr                  REL 
_pdbx_database_status.SG_entry                        ? 
_pdbx_database_status.pdb_format_compatible           Y 
_pdbx_database_status.status_code_cs                  ? 
_pdbx_database_status.status_code_nmr_data            ? 
_pdbx_database_status.methods_development_category    ? 
# 
loop_
_audit_author.name 
_audit_author.pdbx_ordinal 
'Yang, X.-L.'   1 
'Sugiyama, H.'  2 
'Ikeda, S.'     3 
'Saito, I.'     4 
'Wang, A.H.-J.' 5 
# 
_citation.id                        primary 
_citation.title                     
;Structural studies of a stable parallel-stranded DNA duplex incorporating isoguanine:cytosine and isocytosine:guanine basepairs by nuclear magnetic resonance spectroscopy.
;
_citation.journal_abbrev            Biophys.J. 
_citation.journal_volume            75 
_citation.page_first                1163 
_citation.page_last                 1171 
_citation.year                      1998 
_citation.journal_id_ASTM           BIOJAU 
_citation.country                   US 
_citation.journal_id_ISSN           0006-3495 
_citation.journal_id_CSD            0030 
_citation.book_publisher            ? 
_citation.pdbx_database_id_PubMed   9726918 
_citation.pdbx_database_id_DOI      ? 
# 
loop_
_citation_author.citation_id 
_citation_author.name 
_citation_author.ordinal 
_citation_author.identifier_ORCID 
primary 'Yang, X.L.'   1 ? 
primary 'Sugiyama, H.' 2 ? 
primary 'Ikeda, S.'    3 ? 
primary 'Saito, I.'    4 ? 
primary 'Wang, A.H.'   5 ? 
# 
loop_
_entity.id 
_entity.type 
_entity.src_method 
_entity.pdbx_description 
_entity.formula_weight 
_entity.pdbx_number_of_molecules 
_entity.pdbx_ec 
_entity.pdbx_mutation 
_entity.pdbx_fragment 
_entity.details 
1 polymer syn 'DNA DUPLEX (TGCACGGACT)' 3087.086 1 ? ? ? ? 
2 polymer syn 'DNA DUPLEX (TGCACGGACT)' 3045.004 1 ? ? ? ? 
# 
loop_
_entity_poly.entity_id 
_entity_poly.type 
_entity_poly.nstd_linkage 
_entity_poly.nstd_monomer 
_entity_poly.pdbx_seq_one_letter_code 
_entity_poly.pdbx_seq_one_letter_code_can 
_entity_poly.pdbx_strand_id 
_entity_poly.pdbx_target_identifier 
1 polydeoxyribonucleotide no yes '(DT)(IGU)(IMC)(DA)(IMC)(IGU)(IGU)(DA)(IMC)(DT)' TGCACGGACT A ? 
2 polydeoxyribonucleotide no no  '(DA)(DC)(DG)(DT)(DG)(DC)(DC)(DT)(DG)(DA)'       ACGTGCCTGA B ? 
# 
loop_
_entity_poly_seq.entity_id 
_entity_poly_seq.num 
_entity_poly_seq.mon_id 
_entity_poly_seq.hetero 
1 1  DT  n 
1 2  IGU n 
1 3  IMC n 
1 4  DA  n 
1 5  IMC n 
1 6  IGU n 
1 7  IGU n 
1 8  DA  n 
1 9  IMC n 
1 10 DT  n 
2 1  DA  n 
2 2  DC  n 
2 3  DG  n 
2 4  DT  n 
2 5  DG  n 
2 6  DC  n 
2 7  DC  n 
2 8  DT  n 
2 9  DG  n 
2 10 DA  n 
# 
loop_
_chem_comp.id 
_chem_comp.type 
_chem_comp.mon_nstd_flag 
_chem_comp.name 
_chem_comp.pdbx_synonyms 
_chem_comp.formula 
_chem_comp.formula_weight 
DA  'DNA linking' y "2'-DEOXYADENOSINE-5'-MONOPHOSPHATE"                                                 ? 'C10 H14 N5 O6 P' 
331.222 
DC  'DNA linking' y "2'-DEOXYCYTIDINE-5'-MONOPHOSPHATE"                                                  ? 'C9 H14 N3 O7 P'  
307.197 
DG  'DNA linking' y "2'-DEOXYGUANOSINE-5'-MONOPHOSPHATE"                                                 ? 'C10 H14 N5 O7 P' 
347.221 
DT  'DNA linking' y "THYMIDINE-5'-MONOPHOSPHATE"                                                         ? 'C10 H15 N2 O8 P' 
322.208 
IGU 'DNA linking' n "2'-DEOXYISOGUANINE-5'-MONOPHOSPHATE"                                                ? 'C10 H14 N5 O7 P' 
347.221 
IMC 'DNA linking' n "N1-[2-DEOXY-RIBOFURANOSYL]-[2-AMINO-5-METHYL-4-OXO-4H-PYRIMIDINE]-5'-MONOPHOSPHATE" ? 'C10 H16 N3 O7 P' 
321.224 
# 
loop_
_pdbx_poly_seq_scheme.asym_id 
_pdbx_poly_seq_scheme.entity_id 
_pdbx_poly_seq_scheme.seq_id 
_pdbx_poly_seq_scheme.mon_id 
_pdbx_poly_seq_scheme.ndb_seq_num 
_pdbx_poly_seq_scheme.pdb_seq_num 
_pdbx_poly_seq_scheme.auth_seq_num 
_pdbx_poly_seq_scheme.pdb_mon_id 
_pdbx_poly_seq_scheme.auth_mon_id 
_pdbx_poly_seq_scheme.pdb_strand_id 
_pdbx_poly_seq_scheme.pdb_ins_code 
_pdbx_poly_seq_scheme.hetero 
A 1 1  DT  1  1  1  DT  T   A . n 
A 1 2  IGU 2  2  2  IGU IGU A . n 
A 1 3  IMC 3  3  3  IMC IMC A . n 
A 1 4  DA  4  4  4  DA  A   A . n 
A 1 5  IMC 5  5  5  IMC IMC A . n 
A 1 6  IGU 6  6  6  IGU IGU A . n 
A 1 7  IGU 7  7  7  IGU IGU A . n 
A 1 8  DA  8  8  8  DA  A   A . n 
A 1 9  IMC 9  9  9  IMC IMC A . n 
A 1 10 DT  10 10 10 DT  T   A . n 
B 2 1  DA  1  11 11 DA  A   B . n 
B 2 2  DC  2  12 12 DC  C   B . n 
B 2 3  DG  3  13 13 DG  G   B . n 
B 2 4  DT  4  14 14 DT  T   B . n 
B 2 5  DG  5  15 15 DG  G   B . n 
B 2 6  DC  6  16 16 DC  C   B . n 
B 2 7  DC  7  17 17 DC  C   B . n 
B 2 8  DT  8  18 18 DT  T   B . n 
B 2 9  DG  9  19 19 DG  G   B . n 
B 2 10 DA  10 20 20 DA  A   B . n 
# 
loop_
_software.name 
_software.classification 
_software.version 
_software.citation_id 
_software.pdbx_ordinal 
X-PLOR 'model building' . ? 1 
X-PLOR refinement       . ? 2 
X-PLOR phasing          . ? 3 
# 
_cell.entry_id           1BE5 
_cell.length_a           1.000 
_cell.length_b           1.000 
_cell.length_c           1.000 
_cell.angle_alpha        90.00 
_cell.angle_beta         90.00 
_cell.angle_gamma        90.00 
_cell.Z_PDB              1 
_cell.pdbx_unique_axis   ? 
# 
_symmetry.entry_id                         1BE5 
_symmetry.space_group_name_H-M             'P 1' 
_symmetry.pdbx_full_space_group_name_H-M   ? 
_symmetry.cell_setting                     ? 
_symmetry.Int_Tables_number                1 
# 
_exptl.entry_id          1BE5 
_exptl.method            'SOLUTION NMR' 
_exptl.crystals_number   ? 
# 
_struct.entry_id                  1BE5 
_struct.title                     
;STRUCTURAL STUDIES OF A STABLE PARALLEL-STRANDED DNA DUPLEX INCORPORATING ISOGUANINE:CYTOSINE AND ISOCYTOSINE:GUANINE BASE PAIRS BY NMR, MINIMIZED AVERAGE STRUCTURE
;
_struct.pdbx_model_details        ? 
_struct.pdbx_CASP_flag            ? 
_struct.pdbx_model_type_details   ? 
# 
_struct_keywords.entry_id        1BE5 
_struct_keywords.pdbx_keywords   DNA 
_struct_keywords.text            
;DNA STRUCTURE, NOVEL DNA BASES, ANTISENSE OLIGONUCLEOTIDES, INTERCALATOR BINDING, REVERSE WATSON-CRICK BASE PAIRS, DEOXYRIBONUCLEIC ACID, DNA
;
# 
loop_
_struct_asym.id 
_struct_asym.pdbx_blank_PDB_chainid_flag 
_struct_asym.pdbx_modified 
_struct_asym.entity_id 
_struct_asym.details 
A N N 1 ? 
B N N 2 ? 
# 
_struct_ref.id                         1 
_struct_ref.db_name                    PDB 
_struct_ref.db_code                    1BE5 
_struct_ref.entity_id                  1 
_struct_ref.pdbx_seq_one_letter_code   ? 
_struct_ref.pdbx_align_begin           ? 
_struct_ref.pdbx_db_accession          ? 
_struct_ref.pdbx_db_isoform            ? 
# 
loop_
_struct_ref_seq.align_id 
_struct_ref_seq.ref_id 
_struct_ref_seq.pdbx_PDB_id_code 
_struct_ref_seq.pdbx_strand_id 
_struct_ref_seq.seq_align_beg 
_struct_ref_seq.pdbx_seq_align_beg_ins_code 
_struct_ref_seq.seq_align_end 
_struct_ref_seq.pdbx_seq_align_end_ins_code 
_struct_ref_seq.pdbx_db_accession 
_struct_ref_seq.db_align_beg 
_struct_ref_seq.pdbx_db_align_beg_ins_code 
_struct_ref_seq.db_align_end 
_struct_ref_seq.pdbx_db_align_end_ins_code 
_struct_ref_seq.pdbx_auth_seq_align_beg 
_struct_ref_seq.pdbx_auth_seq_align_end 
1 1 1BE5 A 1 ? 10 ? 1BE5 1  ? 10 ? 1  10 
2 1 1BE5 B 1 ? 10 ? 1BE5 11 ? 20 ? 11 20 
# 
_pdbx_struct_assembly.id                   1 
_pdbx_struct_assembly.details              author_defined_assembly 
_pdbx_struct_assembly.method_details       ? 
_pdbx_struct_assembly.oligomeric_details   dimeric 
_pdbx_struct_assembly.oligomeric_count     2 
# 
_pdbx_struct_assembly_gen.assembly_id       1 
_pdbx_struct_assembly_gen.oper_expression   1 
_pdbx_struct_assembly_gen.asym_id_list      A,B 
# 
_pdbx_struct_oper_list.id                   1 
_pdbx_struct_oper_list.type                 'identity operation' 
_pdbx_struct_oper_list.name                 1_555 
_pdbx_struct_oper_list.symmetry_operation   x,y,z 
_pdbx_struct_oper_list.matrix[1][1]         1.0000000000 
_pdbx_struct_oper_list.matrix[1][2]         0.0000000000 
_pdbx_struct_oper_list.matrix[1][3]         0.0000000000 
_pdbx_struct_oper_list.vector[1]            0.0000000000 
_pdbx_struct_oper_list.matrix[2][1]         0.0000000000 
_pdbx_struct_oper_list.matrix[2][2]         1.0000000000 
_pdbx_struct_oper_list.matrix[2][3]         0.0000000000 
_pdbx_struct_oper_list.vector[2]            0.0000000000 
_pdbx_struct_oper_list.matrix[3][1]         0.0000000000 
_pdbx_struct_oper_list.matrix[3][2]         0.0000000000 
_pdbx_struct_oper_list.matrix[3][3]         1.0000000000 
_pdbx_struct_oper_list.vector[3]            0.0000000000 
# 
_struct_biol.id   1 
# 
loop_
_struct_conn.id 
_struct_conn.conn_type_id 
_struct_conn.pdbx_leaving_atom_flag 
_struct_conn.pdbx_PDB_id 
_struct_conn.ptnr1_label_asym_id 
_struct_conn.ptnr1_label_comp_id 
_struct_conn.ptnr1_label_seq_id 
_struct_conn.ptnr1_label_atom_id 
_struct_conn.pdbx_ptnr1_label_alt_id 
_struct_conn.pdbx_ptnr1_PDB_ins_code 
_struct_conn.pdbx_ptnr1_standard_comp_id 
_struct_conn.ptnr1_symmetry 
_struct_conn.ptnr2_label_asym_id 
_struct_conn.ptnr2_label_comp_id 
_struct_conn.ptnr2_label_seq_id 
_struct_conn.ptnr2_label_atom_id 
_struct_conn.pdbx_ptnr2_label_alt_id 
_struct_conn.pdbx_ptnr2_PDB_ins_code 
_struct_conn.ptnr1_auth_asym_id 
_struct_conn.ptnr1_auth_comp_id 
_struct_conn.ptnr1_auth_seq_id 
_struct_conn.ptnr2_auth_asym_id 
_struct_conn.ptnr2_auth_comp_id 
_struct_conn.ptnr2_auth_seq_id 
_struct_conn.ptnr2_symmetry 
_struct_conn.pdbx_ptnr3_label_atom_id 
_struct_conn.pdbx_ptnr3_label_seq_id 
_struct_conn.pdbx_ptnr3_label_comp_id 
_struct_conn.pdbx_ptnr3_label_asym_id 
_struct_conn.pdbx_ptnr3_label_alt_id 
_struct_conn.pdbx_ptnr3_PDB_ins_code 
_struct_conn.details 
_struct_conn.pdbx_dist_value 
_struct_conn.pdbx_value_order 
_struct_conn.pdbx_role 
covale1  covale both ? A DT  1  "O3'" ? ? ? 1_555 A IGU 2  P  ? ? A DT  1  A IGU 2  1_555 ? ? ? ? ? ? ?                       
1.614 ? ? 
covale2  covale both ? A IGU 2  "O3'" ? ? ? 1_555 A IMC 3  P  ? ? A IGU 2  A IMC 3  1_555 ? ? ? ? ? ? ?                       
1.634 ? ? 
covale3  covale both ? A IMC 3  "O3'" ? ? ? 1_555 A DA  4  P  ? ? A IMC 3  A DA  4  1_555 ? ? ? ? ? ? ?                       
1.613 ? ? 
covale4  covale both ? A DA  4  "O3'" ? ? ? 1_555 A IMC 5  P  ? ? A DA  4  A IMC 5  1_555 ? ? ? ? ? ? ?                       
1.625 ? ? 
covale5  covale both ? A IMC 5  "O3'" ? ? ? 1_555 A IGU 6  P  ? ? A IMC 5  A IGU 6  1_555 ? ? ? ? ? ? ?                       
1.622 ? ? 
covale6  covale both ? A IGU 6  "O3'" ? ? ? 1_555 A IGU 7  P  ? ? A IGU 6  A IGU 7  1_555 ? ? ? ? ? ? ?                       
1.616 ? ? 
covale7  covale both ? A IGU 7  "O3'" ? ? ? 1_555 A DA  8  P  ? ? A IGU 7  A DA  8  1_555 ? ? ? ? ? ? ?                       
1.621 ? ? 
covale8  covale both ? A DA  8  "O3'" ? ? ? 1_555 A IMC 9  P  ? ? A DA  8  A IMC 9  1_555 ? ? ? ? ? ? ?                       
1.632 ? ? 
covale9  covale both ? A IMC 9  "O3'" ? ? ? 1_555 A DT  10 P  ? ? A IMC 9  A DT  10 1_555 ? ? ? ? ? ? ?                       
1.631 ? ? 
hydrog1  hydrog ?    ? A IGU 2  N1    ? ? ? 1_555 B DC  2  O2 ? ? A IGU 2  B DC  12 1_555 ? ? ? ? ? ? 'IGU-DC PAIR'           ? ? 
? 
hydrog2  hydrog ?    ? A IMC 3  N3    ? ? ? 1_555 B DG  3  N1 ? ? A IMC 3  B DG  13 1_555 ? ? ? ? ? ? 'IMC-DG PAIR'           ? ? 
? 
hydrog3  hydrog ?    ? A DA  4  N1    ? ? ? 1_555 B DT  4  N3 ? ? A DA  4  B DT  14 1_555 ? ? ? ? ? ? 'REVERSED WATSON-CRICK' ? ? 
? 
hydrog4  hydrog ?    ? A DA  4  N6    ? ? ? 1_555 B DT  4  O2 ? ? A DA  4  B DT  14 1_555 ? ? ? ? ? ? 'REVERSED WATSON-CRICK' ? ? 
? 
hydrog5  hydrog ?    ? A IMC 5  N3    ? ? ? 1_555 B DG  5  N1 ? ? A IMC 5  B DG  15 1_555 ? ? ? ? ? ? 'IMC-DG PAIR'           ? ? 
? 
hydrog6  hydrog ?    ? A IGU 6  N1    ? ? ? 1_555 B DC  6  N3 ? ? A IGU 6  B DC  16 1_555 ? ? ? ? ? ? 'IGU-DC PAIR'           ? ? 
? 
hydrog7  hydrog ?    ? A IGU 7  N1    ? ? ? 1_555 B DC  7  N3 ? ? A IGU 7  B DC  17 1_555 ? ? ? ? ? ? 'IGU-DC PAIR'           ? ? 
? 
hydrog8  hydrog ?    ? A DA  8  N1    ? ? ? 1_555 B DT  8  N3 ? ? A DA  8  B DT  18 1_555 ? ? ? ? ? ? 'REVERSED WATSON-CRICK' ? ? 
? 
hydrog9  hydrog ?    ? A DA  8  N6    ? ? ? 1_555 B DT  8  O2 ? ? A DA  8  B DT  18 1_555 ? ? ? ? ? ? 'REVERSED WATSON-CRICK' ? ? 
? 
hydrog10 hydrog ?    ? A IMC 9  N3    ? ? ? 1_555 B DG  9  N1 ? ? A IMC 9  B DG  19 1_555 ? ? ? ? ? ? 'IMC-DG PAIR'           ? ? 
? 
hydrog11 hydrog ?    ? A DT  10 N3    ? ? ? 1_555 B DA  10 N1 ? ? A DT  10 B DA  20 1_555 ? ? ? ? ? ? 'REVERSED WATSON-CRICK' ? ? 
? 
hydrog12 hydrog ?    ? A DT  10 O2    ? ? ? 1_555 B DA  10 N6 ? ? A DT  10 B DA  20 1_555 ? ? ? ? ? ? 'REVERSED WATSON-CRICK' ? ? 
? 
# 
loop_
_struct_conn_type.id 
_struct_conn_type.criteria 
_struct_conn_type.reference 
covale ? ? 
hydrog ? ? 
# 
loop_
_pdbx_validate_rmsd_bond.id 
_pdbx_validate_rmsd_bond.PDB_model_num 
_pdbx_validate_rmsd_bond.auth_atom_id_1 
_pdbx_validate_rmsd_bond.auth_asym_id_1 
_pdbx_validate_rmsd_bond.auth_comp_id_1 
_pdbx_validate_rmsd_bond.auth_seq_id_1 
_pdbx_validate_rmsd_bond.PDB_ins_code_1 
_pdbx_validate_rmsd_bond.label_alt_id_1 
_pdbx_validate_rmsd_bond.auth_atom_id_2 
_pdbx_validate_rmsd_bond.auth_asym_id_2 
_pdbx_validate_rmsd_bond.auth_comp_id_2 
_pdbx_validate_rmsd_bond.auth_seq_id_2 
_pdbx_validate_rmsd_bond.PDB_ins_code_2 
_pdbx_validate_rmsd_bond.label_alt_id_2 
_pdbx_validate_rmsd_bond.bond_value 
_pdbx_validate_rmsd_bond.bond_target_value 
_pdbx_validate_rmsd_bond.bond_deviation 
_pdbx_validate_rmsd_bond.bond_standard_deviation 
_pdbx_validate_rmsd_bond.linker_flag 
1 1 "C5'" A DT 1  ? ? "C4'" A DT 1  ? ? 1.581 1.512 0.069  0.007 N 
2 1 C5    A DT 1  ? ? C7    A DT 1  ? ? 1.538 1.496 0.042  0.006 N 
3 1 C5    A DT 10 ? ? C7    A DT 10 ? ? 1.538 1.496 0.042  0.006 N 
4 1 "C3'" B DG 13 ? ? "C2'" B DG 13 ? ? 1.468 1.516 -0.048 0.008 N 
5 1 "C5'" B DT 14 ? ? "C4'" B DT 14 ? ? 1.579 1.512 0.067  0.007 N 
6 1 C5    B DT 14 ? ? C7    B DT 14 ? ? 1.535 1.496 0.039  0.006 N 
7 1 "C5'" B DC 16 ? ? "C4'" B DC 16 ? ? 1.567 1.512 0.055  0.007 N 
# 
loop_
_pdbx_validate_rmsd_angle.id 
_pdbx_validate_rmsd_angle.PDB_model_num 
_pdbx_validate_rmsd_angle.auth_atom_id_1 
_pdbx_validate_rmsd_angle.auth_asym_id_1 
_pdbx_validate_rmsd_angle.auth_comp_id_1 
_pdbx_validate_rmsd_angle.auth_seq_id_1 
_pdbx_validate_rmsd_angle.PDB_ins_code_1 
_pdbx_validate_rmsd_angle.label_alt_id_1 
_pdbx_validate_rmsd_angle.auth_atom_id_2 
_pdbx_validate_rmsd_angle.auth_asym_id_2 
_pdbx_validate_rmsd_angle.auth_comp_id_2 
_pdbx_validate_rmsd_angle.auth_seq_id_2 
_pdbx_validate_rmsd_angle.PDB_ins_code_2 
_pdbx_validate_rmsd_angle.label_alt_id_2 
_pdbx_validate_rmsd_angle.auth_atom_id_3 
_pdbx_validate_rmsd_angle.auth_asym_id_3 
_pdbx_validate_rmsd_angle.auth_comp_id_3 
_pdbx_validate_rmsd_angle.auth_seq_id_3 
_pdbx_validate_rmsd_angle.PDB_ins_code_3 
_pdbx_validate_rmsd_angle.label_alt_id_3 
_pdbx_validate_rmsd_angle.angle_value 
_pdbx_validate_rmsd_angle.angle_target_value 
_pdbx_validate_rmsd_angle.angle_deviation 
_pdbx_validate_rmsd_angle.angle_standard_deviation 
_pdbx_validate_rmsd_angle.linker_flag 
1  1 "O4'" A DT 1  ? ? "C1'" A DT 1  ? ? N1    A DT 1  ? ? 112.36 108.30 4.06  0.30 N 
2  1 N9    A DA 4  ? ? C4    A DA 4  ? ? C5    A DA 4  ? ? 108.22 105.80 2.42  0.40 N 
3  1 "O4'" A DA 8  ? ? "C1'" A DA 8  ? ? N9    A DA 8  ? ? 111.38 108.30 3.08  0.30 N 
4  1 "O4'" B DG 13 ? ? "C1'" B DG 13 ? ? N9    B DG 13 ? ? 114.97 108.30 6.67  0.30 N 
5  1 "O4'" B DG 15 ? ? "C4'" B DG 15 ? ? "C3'" B DG 15 ? ? 111.34 106.00 5.34  0.60 N 
6  1 "C4'" B DG 15 ? ? "C3'" B DG 15 ? ? "C2'" B DG 15 ? ? 96.94  102.20 -5.26 0.70 N 
7  1 "O4'" B DC 17 ? ? "C1'" B DC 17 ? ? N1    B DC 17 ? ? 102.06 108.00 -5.94 0.70 N 
8  1 "C4'" B DG 19 ? ? "C3'" B DG 19 ? ? "C2'" B DG 19 ? ? 96.33  102.20 -5.87 0.70 N 
9  1 "O4'" B DG 19 ? ? "C1'" B DG 19 ? ? N9    B DG 19 ? ? 114.61 108.30 6.31  0.30 N 
10 1 "O4'" B DA 20 ? ? "C1'" B DA 20 ? ? N9    B DA 20 ? ? 110.40 108.30 2.10  0.30 N 
# 
loop_
_pdbx_validate_planes.id 
_pdbx_validate_planes.PDB_model_num 
_pdbx_validate_planes.auth_comp_id 
_pdbx_validate_planes.auth_asym_id 
_pdbx_validate_planes.auth_seq_id 
_pdbx_validate_planes.PDB_ins_code 
_pdbx_validate_planes.label_alt_id 
_pdbx_validate_planes.rmsd 
_pdbx_validate_planes.type 
1 1 DT A 10 ? ? 0.098 'SIDE CHAIN' 
2 1 DG B 15 ? ? 0.097 'SIDE CHAIN' 
3 1 DA B 20 ? ? 0.085 'SIDE CHAIN' 
# 
loop_
_pdbx_struct_mod_residue.id 
_pdbx_struct_mod_residue.label_asym_id 
_pdbx_struct_mod_residue.label_comp_id 
_pdbx_struct_mod_residue.label_seq_id 
_pdbx_struct_mod_residue.auth_asym_id 
_pdbx_struct_mod_residue.auth_comp_id 
_pdbx_struct_mod_residue.auth_seq_id 
_pdbx_struct_mod_residue.PDB_ins_code 
_pdbx_struct_mod_residue.parent_comp_id 
_pdbx_struct_mod_residue.details 
1 A IGU 2 A IGU 2 ? DG "2'-DEOXYISOGUANINE-5'-MONOPHOSPHATE" 
2 A IMC 3 A IMC 3 ? DC ?                                     
3 A IMC 5 A IMC 5 ? DC ?                                     
4 A IGU 6 A IGU 6 ? DG "2'-DEOXYISOGUANINE-5'-MONOPHOSPHATE" 
5 A IGU 7 A IGU 7 ? DG "2'-DEOXYISOGUANINE-5'-MONOPHOSPHATE" 
6 A IMC 9 A IMC 9 ? DC ?                                     
# 
_pdbx_nmr_ensemble.entry_id                             1BE5 
_pdbx_nmr_ensemble.conformers_calculated_total_number   1 
_pdbx_nmr_ensemble.conformers_submitted_total_number    1 
_pdbx_nmr_ensemble.conformer_selection_criteria         'MINIMIZED AVERAGE' 
# 
_pdbx_nmr_sample_details.solution_id   1 
_pdbx_nmr_sample_details.contents      WATER 
# 
_pdbx_nmr_exptl_sample_conditions.conditions_id       1 
_pdbx_nmr_exptl_sample_conditions.temperature         275 
_pdbx_nmr_exptl_sample_conditions.pressure_units      atm 
_pdbx_nmr_exptl_sample_conditions.pressure            1 
_pdbx_nmr_exptl_sample_conditions.pH                  7.0 
_pdbx_nmr_exptl_sample_conditions.ionic_strength      '20mM PHOSPHATE BUFFER' 
_pdbx_nmr_exptl_sample_conditions.temperature_units   K 
# 
loop_
_pdbx_nmr_exptl.experiment_id 
_pdbx_nmr_exptl.conditions_id 
_pdbx_nmr_exptl.type 
_pdbx_nmr_exptl.solution_id 
1 1 NOESY 1 
2 1 TOCSY 1 
# 
_pdbx_nmr_details.entry_id   1BE5 
_pdbx_nmr_details.text       'THE STRUCTURE WAS DETERMINED USING 1H 2D NMR SPECTROSCOPY' 
# 
_pdbx_nmr_refine.entry_id           1BE5 
_pdbx_nmr_refine.method             NOE-RMD 
_pdbx_nmr_refine.details            'REFINEMENT DETAILS CAN BE FOUND IN THE JRNL CITATION ABOVE.' 
_pdbx_nmr_refine.software_ordinal   1 
# 
loop_
_pdbx_nmr_software.classification 
_pdbx_nmr_software.name 
_pdbx_nmr_software.version 
_pdbx_nmr_software.authors 
_pdbx_nmr_software.ordinal 
refinement           X-PLOR  ? BRUNGER 1 
'structure solution' X-PLOR  ? ?       2 
'structure solution' SPEDREF ? ?       3 
# 
loop_
_chem_comp_atom.comp_id 
_chem_comp_atom.atom_id 
_chem_comp_atom.type_symbol 
_chem_comp_atom.pdbx_aromatic_flag 
_chem_comp_atom.pdbx_stereo_config 
_chem_comp_atom.pdbx_ordinal 
DA  OP3    O N N 1   
DA  P      P N N 2   
DA  OP1    O N N 3   
DA  OP2    O N N 4   
DA  "O5'"  O N N 5   
DA  "C5'"  C N N 6   
DA  "C4'"  C N R 7   
DA  "O4'"  O N N 8   
DA  "C3'"  C N S 9   
DA  "O3'"  O N N 10  
DA  "C2'"  C N N 11  
DA  "C1'"  C N R 12  
DA  N9     N Y N 13  
DA  C8     C Y N 14  
DA  N7     N Y N 15  
DA  C5     C Y N 16  
DA  C6     C Y N 17  
DA  N6     N N N 18  
DA  N1     N Y N 19  
DA  C2     C Y N 20  
DA  N3     N Y N 21  
DA  C4     C Y N 22  
DA  HOP3   H N N 23  
DA  HOP2   H N N 24  
DA  "H5'"  H N N 25  
DA  "H5''" H N N 26  
DA  "H4'"  H N N 27  
DA  "H3'"  H N N 28  
DA  "HO3'" H N N 29  
DA  "H2'"  H N N 30  
DA  "H2''" H N N 31  
DA  "H1'"  H N N 32  
DA  H8     H N N 33  
DA  H61    H N N 34  
DA  H62    H N N 35  
DA  H2     H N N 36  
DC  OP3    O N N 37  
DC  P      P N N 38  
DC  OP1    O N N 39  
DC  OP2    O N N 40  
DC  "O5'"  O N N 41  
DC  "C5'"  C N N 42  
DC  "C4'"  C N R 43  
DC  "O4'"  O N N 44  
DC  "C3'"  C N S 45  
DC  "O3'"  O N N 46  
DC  "C2'"  C N N 47  
DC  "C1'"  C N R 48  
DC  N1     N N N 49  
DC  C2     C N N 50  
DC  O2     O N N 51  
DC  N3     N N N 52  
DC  C4     C N N 53  
DC  N4     N N N 54  
DC  C5     C N N 55  
DC  C6     C N N 56  
DC  HOP3   H N N 57  
DC  HOP2   H N N 58  
DC  "H5'"  H N N 59  
DC  "H5''" H N N 60  
DC  "H4'"  H N N 61  
DC  "H3'"  H N N 62  
DC  "HO3'" H N N 63  
DC  "H2'"  H N N 64  
DC  "H2''" H N N 65  
DC  "H1'"  H N N 66  
DC  H41    H N N 67  
DC  H42    H N N 68  
DC  H5     H N N 69  
DC  H6     H N N 70  
DG  OP3    O N N 71  
DG  P      P N N 72  
DG  OP1    O N N 73  
DG  OP2    O N N 74  
DG  "O5'"  O N N 75  
DG  "C5'"  C N N 76  
DG  "C4'"  C N R 77  
DG  "O4'"  O N N 78  
DG  "C3'"  C N S 79  
DG  "O3'"  O N N 80  
DG  "C2'"  C N N 81  
DG  "C1'"  C N R 82  
DG  N9     N Y N 83  
DG  C8     C Y N 84  
DG  N7     N Y N 85  
DG  C5     C Y N 86  
DG  C6     C N N 87  
DG  O6     O N N 88  
DG  N1     N N N 89  
DG  C2     C N N 90  
DG  N2     N N N 91  
DG  N3     N N N 92  
DG  C4     C Y N 93  
DG  HOP3   H N N 94  
DG  HOP2   H N N 95  
DG  "H5'"  H N N 96  
DG  "H5''" H N N 97  
DG  "H4'"  H N N 98  
DG  "H3'"  H N N 99  
DG  "HO3'" H N N 100 
DG  "H2'"  H N N 101 
DG  "H2''" H N N 102 
DG  "H1'"  H N N 103 
DG  H8     H N N 104 
DG  H1     H N N 105 
DG  H21    H N N 106 
DG  H22    H N N 107 
DT  OP3    O N N 108 
DT  P      P N N 109 
DT  OP1    O N N 110 
DT  OP2    O N N 111 
DT  "O5'"  O N N 112 
DT  "C5'"  C N N 113 
DT  "C4'"  C N R 114 
DT  "O4'"  O N N 115 
DT  "C3'"  C N S 116 
DT  "O3'"  O N N 117 
DT  "C2'"  C N N 118 
DT  "C1'"  C N R 119 
DT  N1     N N N 120 
DT  C2     C N N 121 
DT  O2     O N N 122 
DT  N3     N N N 123 
DT  C4     C N N 124 
DT  O4     O N N 125 
DT  C5     C N N 126 
DT  C7     C N N 127 
DT  C6     C N N 128 
DT  HOP3   H N N 129 
DT  HOP2   H N N 130 
DT  "H5'"  H N N 131 
DT  "H5''" H N N 132 
DT  "H4'"  H N N 133 
DT  "H3'"  H N N 134 
DT  "HO3'" H N N 135 
DT  "H2'"  H N N 136 
DT  "H2''" H N N 137 
DT  "H1'"  H N N 138 
DT  H3     H N N 139 
DT  H71    H N N 140 
DT  H72    H N N 141 
DT  H73    H N N 142 
DT  H6     H N N 143 
IGU P      P N N 144 
IGU OP1    O N N 145 
IGU OP2    O N N 146 
IGU OP3    O N N 147 
IGU "O5'"  O N N 148 
IGU "C5'"  C N N 149 
IGU "C4'"  C N R 150 
IGU "O4'"  O N N 151 
IGU "C3'"  C N S 152 
IGU "O3'"  O N N 153 
IGU "C2'"  C N N 154 
IGU "C1'"  C N R 155 
IGU N9     N N N 156 
IGU C8     C N N 157 
IGU N7     N N N 158 
IGU C6     C N N 159 
IGU N6     N N N 160 
IGU C5     C N N 161 
IGU N1     N N N 162 
IGU C2     C N N 163 
IGU O2     O N N 164 
IGU N3     N N N 165 
IGU C4     C N N 166 
IGU HOP2   H N N 167 
IGU HOP3   H N N 168 
IGU "H5'"  H N N 169 
IGU "H5''" H N N 170 
IGU "H4'"  H N N 171 
IGU "H3'"  H N N 172 
IGU "HO3'" H N N 173 
IGU "H2'"  H N N 174 
IGU "H2''" H N N 175 
IGU "H1'"  H N N 176 
IGU H8     H N N 177 
IGU HN61   H N N 178 
IGU HN62   H N N 179 
IGU HN1    H N N 180 
IMC P      P N N 181 
IMC OP1    O N N 182 
IMC OP2    O N N 183 
IMC OP3    O N N 184 
IMC "O5'"  O N N 185 
IMC "C5'"  C N N 186 
IMC "C4'"  C N R 187 
IMC "O4'"  O N N 188 
IMC "C1'"  C N R 189 
IMC N1     N N N 190 
IMC C6     C N N 191 
IMC C4     C N N 192 
IMC O4     O N N 193 
IMC N3     N N N 194 
IMC C2     C N N 195 
IMC N2     N N N 196 
IMC C5     C N N 197 
IMC C5M    C N N 198 
IMC "C2'"  C N N 199 
IMC "C3'"  C N S 200 
IMC "O3'"  O N N 201 
IMC HOP2   H N N 202 
IMC HOP3   H N N 203 
IMC "H5'"  H N N 204 
IMC "H5''" H N N 205 
IMC "H4'"  H N N 206 
IMC "H1'"  H N N 207 
IMC H6     H N N 208 
IMC HN21   H N N 209 
IMC HN22   H N N 210 
IMC H71    H N N 211 
IMC H72    H N N 212 
IMC H73    H N N 213 
IMC "H2'"  H N N 214 
IMC "H2''" H N N 215 
IMC "H3'"  H N N 216 
IMC "HO3'" H N N 217 
# 
loop_
_chem_comp_bond.comp_id 
_chem_comp_bond.atom_id_1 
_chem_comp_bond.atom_id_2 
_chem_comp_bond.value_order 
_chem_comp_bond.pdbx_aromatic_flag 
_chem_comp_bond.pdbx_stereo_config 
_chem_comp_bond.pdbx_ordinal 
DA  OP3   P      sing N N 1   
DA  OP3   HOP3   sing N N 2   
DA  P     OP1    doub N N 3   
DA  P     OP2    sing N N 4   
DA  P     "O5'"  sing N N 5   
DA  OP2   HOP2   sing N N 6   
DA  "O5'" "C5'"  sing N N 7   
DA  "C5'" "C4'"  sing N N 8   
DA  "C5'" "H5'"  sing N N 9   
DA  "C5'" "H5''" sing N N 10  
DA  "C4'" "O4'"  sing N N 11  
DA  "C4'" "C3'"  sing N N 12  
DA  "C4'" "H4'"  sing N N 13  
DA  "O4'" "C1'"  sing N N 14  
DA  "C3'" "O3'"  sing N N 15  
DA  "C3'" "C2'"  sing N N 16  
DA  "C3'" "H3'"  sing N N 17  
DA  "O3'" "HO3'" sing N N 18  
DA  "C2'" "C1'"  sing N N 19  
DA  "C2'" "H2'"  sing N N 20  
DA  "C2'" "H2''" sing N N 21  
DA  "C1'" N9     sing N N 22  
DA  "C1'" "H1'"  sing N N 23  
DA  N9    C8     sing Y N 24  
DA  N9    C4     sing Y N 25  
DA  C8    N7     doub Y N 26  
DA  C8    H8     sing N N 27  
DA  N7    C5     sing Y N 28  
DA  C5    C6     sing Y N 29  
DA  C5    C4     doub Y N 30  
DA  C6    N6     sing N N 31  
DA  C6    N1     doub Y N 32  
DA  N6    H61    sing N N 33  
DA  N6    H62    sing N N 34  
DA  N1    C2     sing Y N 35  
DA  C2    N3     doub Y N 36  
DA  C2    H2     sing N N 37  
DA  N3    C4     sing Y N 38  
DC  OP3   P      sing N N 39  
DC  OP3   HOP3   sing N N 40  
DC  P     OP1    doub N N 41  
DC  P     OP2    sing N N 42  
DC  P     "O5'"  sing N N 43  
DC  OP2   HOP2   sing N N 44  
DC  "O5'" "C5'"  sing N N 45  
DC  "C5'" "C4'"  sing N N 46  
DC  "C5'" "H5'"  sing N N 47  
DC  "C5'" "H5''" sing N N 48  
DC  "C4'" "O4'"  sing N N 49  
DC  "C4'" "C3'"  sing N N 50  
DC  "C4'" "H4'"  sing N N 51  
DC  "O4'" "C1'"  sing N N 52  
DC  "C3'" "O3'"  sing N N 53  
DC  "C3'" "C2'"  sing N N 54  
DC  "C3'" "H3'"  sing N N 55  
DC  "O3'" "HO3'" sing N N 56  
DC  "C2'" "C1'"  sing N N 57  
DC  "C2'" "H2'"  sing N N 58  
DC  "C2'" "H2''" sing N N 59  
DC  "C1'" N1     sing N N 60  
DC  "C1'" "H1'"  sing N N 61  
DC  N1    C2     sing N N 62  
DC  N1    C6     sing N N 63  
DC  C2    O2     doub N N 64  
DC  C2    N3     sing N N 65  
DC  N3    C4     doub N N 66  
DC  C4    N4     sing N N 67  
DC  C4    C5     sing N N 68  
DC  N4    H41    sing N N 69  
DC  N4    H42    sing N N 70  
DC  C5    C6     doub N N 71  
DC  C5    H5     sing N N 72  
DC  C6    H6     sing N N 73  
DG  OP3   P      sing N N 74  
DG  OP3   HOP3   sing N N 75  
DG  P     OP1    doub N N 76  
DG  P     OP2    sing N N 77  
DG  P     "O5'"  sing N N 78  
DG  OP2   HOP2   sing N N 79  
DG  "O5'" "C5'"  sing N N 80  
DG  "C5'" "C4'"  sing N N 81  
DG  "C5'" "H5'"  sing N N 82  
DG  "C5'" "H5''" sing N N 83  
DG  "C4'" "O4'"  sing N N 84  
DG  "C4'" "C3'"  sing N N 85  
DG  "C4'" "H4'"  sing N N 86  
DG  "O4'" "C1'"  sing N N 87  
DG  "C3'" "O3'"  sing N N 88  
DG  "C3'" "C2'"  sing N N 89  
DG  "C3'" "H3'"  sing N N 90  
DG  "O3'" "HO3'" sing N N 91  
DG  "C2'" "C1'"  sing N N 92  
DG  "C2'" "H2'"  sing N N 93  
DG  "C2'" "H2''" sing N N 94  
DG  "C1'" N9     sing N N 95  
DG  "C1'" "H1'"  sing N N 96  
DG  N9    C8     sing Y N 97  
DG  N9    C4     sing Y N 98  
DG  C8    N7     doub Y N 99  
DG  C8    H8     sing N N 100 
DG  N7    C5     sing Y N 101 
DG  C5    C6     sing N N 102 
DG  C5    C4     doub Y N 103 
DG  C6    O6     doub N N 104 
DG  C6    N1     sing N N 105 
DG  N1    C2     sing N N 106 
DG  N1    H1     sing N N 107 
DG  C2    N2     sing N N 108 
DG  C2    N3     doub N N 109 
DG  N2    H21    sing N N 110 
DG  N2    H22    sing N N 111 
DG  N3    C4     sing N N 112 
DT  OP3   P      sing N N 113 
DT  OP3   HOP3   sing N N 114 
DT  P     OP1    doub N N 115 
DT  P     OP2    sing N N 116 
DT  P     "O5'"  sing N N 117 
DT  OP2   HOP2   sing N N 118 
DT  "O5'" "C5'"  sing N N 119 
DT  "C5'" "C4'"  sing N N 120 
DT  "C5'" "H5'"  sing N N 121 
DT  "C5'" "H5''" sing N N 122 
DT  "C4'" "O4'"  sing N N 123 
DT  "C4'" "C3'"  sing N N 124 
DT  "C4'" "H4'"  sing N N 125 
DT  "O4'" "C1'"  sing N N 126 
DT  "C3'" "O3'"  sing N N 127 
DT  "C3'" "C2'"  sing N N 128 
DT  "C3'" "H3'"  sing N N 129 
DT  "O3'" "HO3'" sing N N 130 
DT  "C2'" "C1'"  sing N N 131 
DT  "C2'" "H2'"  sing N N 132 
DT  "C2'" "H2''" sing N N 133 
DT  "C1'" N1     sing N N 134 
DT  "C1'" "H1'"  sing N N 135 
DT  N1    C2     sing N N 136 
DT  N1    C6     sing N N 137 
DT  C2    O2     doub N N 138 
DT  C2    N3     sing N N 139 
DT  N3    C4     sing N N 140 
DT  N3    H3     sing N N 141 
DT  C4    O4     doub N N 142 
DT  C4    C5     sing N N 143 
DT  C5    C7     sing N N 144 
DT  C5    C6     doub N N 145 
DT  C7    H71    sing N N 146 
DT  C7    H72    sing N N 147 
DT  C7    H73    sing N N 148 
DT  C6    H6     sing N N 149 
IGU P     OP1    doub N N 150 
IGU P     OP2    sing N N 151 
IGU P     OP3    sing N N 152 
IGU P     "O5'"  sing N N 153 
IGU OP2   HOP2   sing N N 154 
IGU OP3   HOP3   sing N N 155 
IGU "O5'" "C5'"  sing N N 156 
IGU "C5'" "C4'"  sing N N 157 
IGU "C5'" "H5'"  sing N N 158 
IGU "C5'" "H5''" sing N N 159 
IGU "C4'" "O4'"  sing N N 160 
IGU "C4'" "C3'"  sing N N 161 
IGU "C4'" "H4'"  sing N N 162 
IGU "O4'" "C1'"  sing N N 163 
IGU "C3'" "O3'"  sing N N 164 
IGU "C3'" "C2'"  sing N N 165 
IGU "C3'" "H3'"  sing N N 166 
IGU "O3'" "HO3'" sing N N 167 
IGU "C2'" "C1'"  sing N N 168 
IGU "C2'" "H2'"  sing N N 169 
IGU "C2'" "H2''" sing N N 170 
IGU "C1'" N9     sing N N 171 
IGU "C1'" "H1'"  sing N N 172 
IGU N9    C8     sing N N 173 
IGU N9    C4     sing N N 174 
IGU C8    N7     doub N N 175 
IGU C8    H8     sing N N 176 
IGU N7    C5     sing N N 177 
IGU C6    N6     sing N N 178 
IGU C6    C5     doub N N 179 
IGU C6    N1     sing N N 180 
IGU N6    HN61   sing N N 181 
IGU N6    HN62   sing N N 182 
IGU C5    C4     sing N N 183 
IGU N1    C2     sing N N 184 
IGU C2    O2     doub N N 185 
IGU C2    N3     sing N N 186 
IGU N3    C4     doub N N 187 
IGU N1    HN1    sing N N 188 
IMC P     OP1    doub N N 189 
IMC P     OP2    sing N N 190 
IMC P     OP3    sing N N 191 
IMC P     "O5'"  sing N N 192 
IMC OP2   HOP2   sing N N 193 
IMC OP3   HOP3   sing N N 194 
IMC "O5'" "C5'"  sing N N 195 
IMC "C5'" "C4'"  sing N N 196 
IMC "C5'" "H5'"  sing N N 197 
IMC "C5'" "H5''" sing N N 198 
IMC "C4'" "O4'"  sing N N 199 
IMC "C4'" "C3'"  sing N N 200 
IMC "C4'" "H4'"  sing N N 201 
IMC "O4'" "C1'"  sing N N 202 
IMC "C1'" N1     sing N N 203 
IMC "C1'" "C2'"  sing N N 204 
IMC "C1'" "H1'"  sing N N 205 
IMC N1    C6     sing N N 206 
IMC N1    C2     sing N N 207 
IMC C6    C5     doub N N 208 
IMC C6    H6     sing N N 209 
IMC C4    O4     doub N N 210 
IMC C4    N3     sing N N 211 
IMC C4    C5     sing N N 212 
IMC N3    C2     doub N N 213 
IMC C2    N2     sing N N 214 
IMC N2    HN21   sing N N 215 
IMC N2    HN22   sing N N 216 
IMC C5    C5M    sing N N 217 
IMC C5M   H71    sing N N 218 
IMC C5M   H72    sing N N 219 
IMC C5M   H73    sing N N 220 
IMC "C2'" "C3'"  sing N N 221 
IMC "C2'" "H2'"  sing N N 222 
IMC "C2'" "H2''" sing N N 223 
IMC "C3'" "O3'"  sing N N 224 
IMC "C3'" "H3'"  sing N N 225 
IMC "O3'" "HO3'" sing N N 226 
# 
loop_
_ndb_struct_conf_na.entry_id 
_ndb_struct_conf_na.feature 
1BE5 'double helix'     
1BE5 'parallel strands' 
# 
loop_
_ndb_struct_na_base_pair.model_number 
_ndb_struct_na_base_pair.i_label_asym_id 
_ndb_struct_na_base_pair.i_label_comp_id 
_ndb_struct_na_base_pair.i_label_seq_id 
_ndb_struct_na_base_pair.i_symmetry 
_ndb_struct_na_base_pair.j_label_asym_id 
_ndb_struct_na_base_pair.j_label_comp_id 
_ndb_struct_na_base_pair.j_label_seq_id 
_ndb_struct_na_base_pair.j_symmetry 
_ndb_struct_na_base_pair.shear 
_ndb_struct_na_base_pair.stretch 
_ndb_struct_na_base_pair.stagger 
_ndb_struct_na_base_pair.buckle 
_ndb_struct_na_base_pair.propeller 
_ndb_struct_na_base_pair.opening 
_ndb_struct_na_base_pair.pair_number 
_ndb_struct_na_base_pair.pair_name 
_ndb_struct_na_base_pair.i_auth_asym_id 
_ndb_struct_na_base_pair.i_auth_seq_id 
_ndb_struct_na_base_pair.i_PDB_ins_code 
_ndb_struct_na_base_pair.j_auth_asym_id 
_ndb_struct_na_base_pair.j_auth_seq_id 
_ndb_struct_na_base_pair.j_PDB_ins_code 
_ndb_struct_na_base_pair.hbond_type_28 
_ndb_struct_na_base_pair.hbond_type_12 
1 A IGU 2  1_555 B DC 2  1_555 0.150  1.544  -0.791 5.695   -10.430 162.979  1 A_IGU2:DC12_B A 2  ? B 12 ? ?  2 
1 A IMC 3  1_555 B DG 3  1_555 -0.206 -1.625 0.141  -12.489 -9.332  -162.541 2 A_IMC3:DG13_B A 3  ? B 13 ? ?  2 
1 A DA  4  1_555 B DT 4  1_555 0.269  1.880  -0.500 40.772  18.001  174.619  3 A_DA4:DT14_B  A 4  ? B 14 ? 21 2 
1 A IMC 5  1_555 B DG 5  1_555 -0.303 -1.976 0.056  -34.882 -2.744  -165.019 4 A_IMC5:DG15_B A 5  ? B 15 ? ?  2 
1 A IGU 6  1_555 B DC 6  1_555 -0.052 0.714  -0.923 18.418  -24.195 172.349  5 A_IGU6:DC16_B A 6  ? B 16 ? ?  ? 
1 A IGU 7  1_555 B DC 7  1_555 0.092  1.041  -0.550 6.604   -19.865 168.266  6 A_IGU7:DC17_B A 7  ? B 17 ? ?  ? 
1 A DA  8  1_555 B DT 8  1_555 0.358  1.205  -0.307 19.942  1.029   177.551  7 A_DA8:DT18_B  A 8  ? B 18 ? 21 2 
1 A IMC 9  1_555 B DG 9  1_555 -0.214 -1.519 0.194  -23.730 1.728   -165.257 8 A_IMC9:DG19_B A 9  ? B 19 ? ?  2 
1 A DT  10 1_555 B DA 10 1_555 -0.033 -1.685 1.054  -39.746 34.459  -164.305 9 A_DT10:DA20_B A 10 ? B 20 ? 21 2 
# 
loop_
_ndb_struct_na_base_pair_step.model_number 
_ndb_struct_na_base_pair_step.i_label_asym_id_1 
_ndb_struct_na_base_pair_step.i_label_comp_id_1 
_ndb_struct_na_base_pair_step.i_label_seq_id_1 
_ndb_struct_na_base_pair_step.i_symmetry_1 
_ndb_struct_na_base_pair_step.j_label_asym_id_1 
_ndb_struct_na_base_pair_step.j_label_comp_id_1 
_ndb_struct_na_base_pair_step.j_label_seq_id_1 
_ndb_struct_na_base_pair_step.j_symmetry_1 
_ndb_struct_na_base_pair_step.i_label_asym_id_2 
_ndb_struct_na_base_pair_step.i_label_comp_id_2 
_ndb_struct_na_base_pair_step.i_label_seq_id_2 
_ndb_struct_na_base_pair_step.i_symmetry_2 
_ndb_struct_na_base_pair_step.j_label_asym_id_2 
_ndb_struct_na_base_pair_step.j_label_comp_id_2 
_ndb_struct_na_base_pair_step.j_label_seq_id_2 
_ndb_struct_na_base_pair_step.j_symmetry_2 
_ndb_struct_na_base_pair_step.shift 
_ndb_struct_na_base_pair_step.slide 
_ndb_struct_na_base_pair_step.rise 
_ndb_struct_na_base_pair_step.tilt 
_ndb_struct_na_base_pair_step.roll 
_ndb_struct_na_base_pair_step.twist 
_ndb_struct_na_base_pair_step.x_displacement 
_ndb_struct_na_base_pair_step.y_displacement 
_ndb_struct_na_base_pair_step.helical_rise 
_ndb_struct_na_base_pair_step.inclination 
_ndb_struct_na_base_pair_step.tip 
_ndb_struct_na_base_pair_step.helical_twist 
_ndb_struct_na_base_pair_step.step_number 
_ndb_struct_na_base_pair_step.step_name 
_ndb_struct_na_base_pair_step.i_auth_asym_id_1 
_ndb_struct_na_base_pair_step.i_auth_seq_id_1 
_ndb_struct_na_base_pair_step.i_PDB_ins_code_1 
_ndb_struct_na_base_pair_step.j_auth_asym_id_1 
_ndb_struct_na_base_pair_step.j_auth_seq_id_1 
_ndb_struct_na_base_pair_step.j_PDB_ins_code_1 
_ndb_struct_na_base_pair_step.i_auth_asym_id_2 
_ndb_struct_na_base_pair_step.i_auth_seq_id_2 
_ndb_struct_na_base_pair_step.i_PDB_ins_code_2 
_ndb_struct_na_base_pair_step.j_auth_asym_id_2 
_ndb_struct_na_base_pair_step.j_auth_seq_id_2 
_ndb_struct_na_base_pair_step.j_PDB_ins_code_2 
1 A IGU 2 1_555 B DC 2 1_555 A IMC 3  1_555 B DG 3  1_555 -2.120 -0.385 2.561 7.065  -6.811 -156.520 0.213  -1.066 2.583 3.478  
3.608 -156.607 1 AA_IGU2IMC3:DG13DC12_BB A 2 ? B 12 ? A 3  ? B 13 ? 
1 A IMC 3 1_555 B DG 3 1_555 A DA  4  1_555 B DT 4  1_555 -1.031 1.161  3.024 6.161  4.231  -136.600 -0.649 -0.520 3.028 -2.277 
3.315 -136.697 2 AA_IMC3DA4:DT14DG13_BB  A 3 ? B 13 ? A 4  ? B 14 ? 
1 A DA  4 1_555 B DT 4 1_555 A IMC 5  1_555 B DG 5  1_555 -0.876 0.528  3.464 5.513  3.736  -137.300 -0.307 -0.435 3.472 -2.005 
2.959 -137.376 3 AA_DA4IMC5:DG15DT14_BB  A 4 ? B 14 ? A 5  ? B 15 ? 
1 A IMC 5 1_555 B DG 5 1_555 A IGU 6  1_555 B DC 6  1_555 -0.407 1.030  3.450 10.606 8.730  -141.348 -0.594 -0.156 3.433 -4.623 
5.617 -141.637 4 AA_IMC5IGU6:DC16DG15_BB A 5 ? B 15 ? A 6  ? B 16 ? 
1 A IGU 6 1_555 B DC 6 1_555 A IGU 7  1_555 B DC 7  1_555 0.173  0.304  2.884 -5.919 -1.462 37.511   0.631  -0.927 2.812 -2.255 
9.130 37.986   5 AA_IGU6IGU7:DC17DC16_BB A 6 ? B 16 ? A 7  ? B 17 ? 
1 A IGU 7 1_555 B DC 7 1_555 A DA  8  1_555 B DT 8  1_555 -0.585 0.705  2.764 -4.025 1.310  30.249   1.115  0.422  2.844 2.494  
7.666 30.537   6 AA_IGU7DA8:DT18DC17_BB  A 7 ? B 17 ? A 8  ? B 18 ? 
1 A DA  8 1_555 B DT 8 1_555 A IMC 9  1_555 B DG 9  1_555 -0.708 0.560  3.330 7.124  2.405  -146.173 -0.304 -0.337 3.339 -1.256 
3.723 -146.248 7 AA_DA8IMC9:DG19DT18_BB  A 8 ? B 18 ? A 9  ? B 19 ? 
1 A IMC 9 1_555 B DG 9 1_555 A DT  10 1_555 B DA 10 1_555 0.815  0.056  4.076 -7.347 -0.547 52.435   0.106  -1.497 3.936 -0.615 
8.268 52.914   8 AA_IMC9DT10:DA20DG19_BB A 9 ? B 19 ? A 10 ? B 20 ? 
# 
loop_
_pdbx_nmr_spectrometer.spectrometer_id 
_pdbx_nmr_spectrometer.model 
_pdbx_nmr_spectrometer.manufacturer 
_pdbx_nmr_spectrometer.field_strength 
1 'UNITY 750' Varian 750 
2 'VXR 500'   Varian 500 
# 
_atom_sites.entry_id                    1BE5 
_atom_sites.fract_transf_matrix[1][1]   1.000000 
_atom_sites.fract_transf_matrix[1][2]   0.000000 
_atom_sites.fract_transf_matrix[1][3]   0.000000 
_atom_sites.fract_transf_matrix[2][1]   0.000000 
_atom_sites.fract_transf_matrix[2][2]   1.000000 
_atom_sites.fract_transf_matrix[2][3]   0.000000 
_atom_sites.fract_transf_matrix[3][1]   0.000000 
_atom_sites.fract_transf_matrix[3][2]   0.000000 
_atom_sites.fract_transf_matrix[3][3]   1.000000 
_atom_sites.fract_transf_vector[1]      0.00000 
_atom_sites.fract_transf_vector[2]      0.00000 
_atom_sites.fract_transf_vector[3]      0.00000 
# 
loop_
_atom_type.symbol 
C 
H 
N 
O 
P 
# 
loop_
_atom_site.group_PDB 
_atom_site.id 
_atom_site.type_symbol 
_atom_site.label_atom_id 
_atom_site.label_alt_id 
_atom_site.label_comp_id 
_atom_site.label_asym_id 
_atom_site.label_entity_id 
_atom_site.label_seq_id 
_atom_site.pdbx_PDB_ins_code 
_atom_site.Cartn_x 
_atom_site.Cartn_y 
_atom_site.Cartn_z 
_atom_site.occupancy 
_atom_site.B_iso_or_equiv 
_atom_site.pdbx_formal_charge 
_atom_site.auth_seq_id 
_atom_site.auth_comp_id 
_atom_site.auth_asym_id 
_atom_site.auth_atom_id 
_atom_site.pdbx_PDB_model_num 
ATOM   1   O "O5'"  . DT  A 1 1  ? -2.716  11.688  4.271   1.00 0.00 ? 1  DT  A "O5'"  1 
ATOM   2   C "C5'"  . DT  A 1 1  ? -3.695  12.735  4.250   1.00 0.00 ? 1  DT  A "C5'"  1 
ATOM   3   C "C4'"  . DT  A 1 1  ? -3.420  13.739  3.059   1.00 0.00 ? 1  DT  A "C4'"  1 
ATOM   4   O "O4'"  . DT  A 1 1  ? -2.118  14.374  3.173   1.00 0.00 ? 1  DT  A "O4'"  1 
ATOM   5   C "C3'"  . DT  A 1 1  ? -3.418  13.026  1.696   1.00 0.00 ? 1  DT  A "C3'"  1 
ATOM   6   O "O3'"  . DT  A 1 1  ? -4.061  13.790  0.677   1.00 0.00 ? 1  DT  A "O3'"  1 
ATOM   7   C "C2'"  . DT  A 1 1  ? -1.931  12.881  1.440   1.00 0.00 ? 1  DT  A "C2'"  1 
ATOM   8   C "C1'"  . DT  A 1 1  ? -1.329  14.160  1.978   1.00 0.00 ? 1  DT  A "C1'"  1 
ATOM   9   N N1     . DT  A 1 1  ? 0.086   13.822  2.287   1.00 0.00 ? 1  DT  A N1     1 
ATOM   10  C C2     . DT  A 1 1  ? 1.110   14.338  1.506   1.00 0.00 ? 1  DT  A C2     1 
ATOM   11  O O2     . DT  A 1 1  ? 0.897   15.077  0.546   1.00 0.00 ? 1  DT  A O2     1 
ATOM   12  N N3     . DT  A 1 1  ? 2.394   13.953  1.873   1.00 0.00 ? 1  DT  A N3     1 
ATOM   13  C C4     . DT  A 1 1  ? 2.727   13.112  2.927   1.00 0.00 ? 1  DT  A C4     1 
ATOM   14  O O4     . DT  A 1 1  ? 3.903   12.872  3.190   1.00 0.00 ? 1  DT  A O4     1 
ATOM   15  C C5     . DT  A 1 1  ? 1.588   12.584  3.644   1.00 0.00 ? 1  DT  A C5     1 
ATOM   16  C C7     . DT  A 1 1  ? 1.800   11.537  4.750   1.00 0.00 ? 1  DT  A C7     1 
ATOM   17  C C6     . DT  A 1 1  ? 0.341   12.987  3.330   1.00 0.00 ? 1  DT  A C6     1 
ATOM   18  H "H5'"  . DT  A 1 1  ? -3.641  13.222  5.233   1.00 0.00 ? 1  DT  A "H5'"  1 
ATOM   19  H "H5''" . DT  A 1 1  ? -4.675  12.232  4.215   1.00 0.00 ? 1  DT  A "H5''" 1 
ATOM   20  H "H4'"  . DT  A 1 1  ? -4.148  14.562  2.966   1.00 0.00 ? 1  DT  A "H4'"  1 
ATOM   21  H "H3'"  . DT  A 1 1  ? -3.967  12.080  1.756   1.00 0.00 ? 1  DT  A "H3'"  1 
ATOM   22  H "H2'"  . DT  A 1 1  ? -1.593  11.987  1.987   1.00 0.00 ? 1  DT  A "H2'"  1 
ATOM   23  H "H2''" . DT  A 1 1  ? -1.578  12.803  0.412   1.00 0.00 ? 1  DT  A "H2''" 1 
ATOM   24  H "H1'"  . DT  A 1 1  ? -1.425  14.982  1.245   1.00 0.00 ? 1  DT  A "H1'"  1 
ATOM   25  H H3     . DT  A 1 1  ? 3.162   14.312  1.322   1.00 0.00 ? 1  DT  A H3     1 
ATOM   26  H H71    . DT  A 1 1  ? 2.864   11.318  4.858   1.00 0.00 ? 1  DT  A H71    1 
ATOM   27  H H72    . DT  A 1 1  ? 1.405   11.895  5.698   1.00 0.00 ? 1  DT  A H72    1 
ATOM   28  H H73    . DT  A 1 1  ? 1.293   10.608  4.485   1.00 0.00 ? 1  DT  A H73    1 
ATOM   29  H H6     . DT  A 1 1  ? -0.532  12.684  3.871   1.00 0.00 ? 1  DT  A H6     1 
ATOM   30  H "HO5'" . DT  A 1 1  ? -2.708  11.276  3.403   1.00 0.00 ? 1  DT  A "HO5'" 1 
HETATM 31  P P      . IGU A 1 2  ? -4.905  13.016  -0.460  1.00 0.00 ? 2  IGU A P      1 
HETATM 32  O OP1    . IGU A 1 2  ? -5.817  13.994  -1.095  1.00 0.00 ? 2  IGU A OP1    1 
HETATM 33  O OP2    . IGU A 1 2  ? -5.462  11.784  0.146   1.00 0.00 ? 2  IGU A OP2    1 
HETATM 34  O "O5'"  . IGU A 1 2  ? -3.777  12.586  -1.536  1.00 0.00 ? 2  IGU A "O5'"  1 
HETATM 35  C "C5'"  . IGU A 1 2  ? -3.230  13.584  -2.401  1.00 0.00 ? 2  IGU A "C5'"  1 
HETATM 36  C "C4'"  . IGU A 1 2  ? -2.616  13.110  -3.720  1.00 0.00 ? 2  IGU A "C4'"  1 
HETATM 37  O "O4'"  . IGU A 1 2  ? -1.322  12.552  -3.542  1.00 0.00 ? 2  IGU A "O4'"  1 
HETATM 38  C "C3'"  . IGU A 1 2  ? -3.484  12.075  -4.437  1.00 0.00 ? 2  IGU A "C3'"  1 
HETATM 39  O "O3'"  . IGU A 1 2  ? -3.405  11.928  -5.868  1.00 0.00 ? 2  IGU A "O3'"  1 
HETATM 40  C "C2'"  . IGU A 1 2  ? -2.959  10.855  -3.715  1.00 0.00 ? 2  IGU A "C2'"  1 
HETATM 41  C "C1'"  . IGU A 1 2  ? -1.479  11.149  -3.383  1.00 0.00 ? 2  IGU A "C1'"  1 
HETATM 42  N N9     . IGU A 1 2  ? -1.053  10.848  -1.996  1.00 0.00 ? 2  IGU A N9     1 
HETATM 43  C C8     . IGU A 1 2  ? -1.836  10.750  -0.896  1.00 0.00 ? 2  IGU A C8     1 
HETATM 44  N N7     . IGU A 1 2  ? -1.230  10.552  0.228   1.00 0.00 ? 2  IGU A N7     1 
HETATM 45  C C6     . IGU A 1 2  ? 1.267   10.305  0.549   1.00 0.00 ? 2  IGU A C6     1 
HETATM 46  N N6     . IGU A 1 2  ? 1.321   10.174  1.869   1.00 0.00 ? 2  IGU A N6     1 
HETATM 47  C C5     . IGU A 1 2  ? 0.091   10.498  -0.164  1.00 0.00 ? 2  IGU A C5     1 
HETATM 48  N N1     . IGU A 1 2  ? 2.445   10.240  -0.171  1.00 0.00 ? 2  IGU A N1     1 
HETATM 49  C C2     . IGU A 1 2  ? 2.537   10.390  -1.551  1.00 0.00 ? 2  IGU A C2     1 
HETATM 50  O O2     . IGU A 1 2  ? 3.618   10.299  -2.119  1.00 0.00 ? 2  IGU A O2     1 
HETATM 51  N N3     . IGU A 1 2  ? 1.382   10.623  -2.223  1.00 0.00 ? 2  IGU A N3     1 
HETATM 52  C C4     . IGU A 1 2  ? 0.221   10.648  -1.520  1.00 0.00 ? 2  IGU A C4     1 
HETATM 53  H "H5'"  . IGU A 1 2  ? -2.374  14.004  -1.902  1.00 0.00 ? 2  IGU A "H5'"  1 
HETATM 54  H "H5''" . IGU A 1 2  ? -4.021  14.307  -2.559  1.00 0.00 ? 2  IGU A "H5''" 1 
HETATM 55  H "H4'"  . IGU A 1 2  ? -2.435  14.000  -4.305  1.00 0.00 ? 2  IGU A "H4'"  1 
HETATM 56  H "H3'"  . IGU A 1 2  ? -4.516  12.315  -4.188  1.00 0.00 ? 2  IGU A "H3'"  1 
HETATM 57  H "H2'"  . IGU A 1 2  ? -3.596  10.832  -2.841  1.00 0.00 ? 2  IGU A "H2'"  1 
HETATM 58  H "H2''" . IGU A 1 2  ? -3.068  9.943   -4.302  1.00 0.00 ? 2  IGU A "H2''" 1 
HETATM 59  H "H1'"  . IGU A 1 2  ? -0.835  10.665  -4.095  1.00 0.00 ? 2  IGU A "H1'"  1 
HETATM 60  H H8     . IGU A 1 2  ? -2.900  10.838  -0.980  1.00 0.00 ? 2  IGU A H8     1 
HETATM 61  H HN61   . IGU A 1 2  ? 2.211   9.982   2.307   1.00 0.00 ? 2  IGU A HN61   1 
HETATM 62  H HN62   . IGU A 1 2  ? 0.477   10.255  2.420   1.00 0.00 ? 2  IGU A HN62   1 
HETATM 63  H HN1    . IGU A 1 2  ? 3.309   10.059  0.320   1.00 0.00 ? 2  IGU A HN1    1 
HETATM 64  P P      . IMC A 1 3  ? -4.213  10.706  -6.591  1.00 0.00 ? 3  IMC A P      1 
HETATM 65  O OP1    . IMC A 1 3  ? -4.149  10.915  -8.055  1.00 0.00 ? 3  IMC A OP1    1 
HETATM 66  O OP2    . IMC A 1 3  ? -5.529  10.567  -5.928  1.00 0.00 ? 3  IMC A OP2    1 
HETATM 67  O "O5'"  . IMC A 1 3  ? -3.327  9.392   -6.215  1.00 0.00 ? 3  IMC A "O5'"  1 
HETATM 68  C "C5'"  . IMC A 1 3  ? -2.041  9.256   -6.834  1.00 0.00 ? 3  IMC A "C5'"  1 
HETATM 69  C "C4'"  . IMC A 1 3  ? -0.966  8.447   -6.101  1.00 0.00 ? 3  IMC A "C4'"  1 
HETATM 70  O "O4'"  . IMC A 1 3  ? -0.838  8.780   -4.722  1.00 0.00 ? 3  IMC A "O4'"  1 
HETATM 71  C "C1'"  . IMC A 1 3  ? -0.041  7.764   -4.078  1.00 0.00 ? 3  IMC A "C1'"  1 
HETATM 72  N N1     . IMC A 1 3  ? -0.578  7.640   -2.698  1.00 0.00 ? 3  IMC A N1     1 
HETATM 73  C C6     . IMC A 1 3  ? -1.935  7.680   -2.536  1.00 0.00 ? 3  IMC A C6     1 
HETATM 74  C C4     . IMC A 1 3  ? -1.634  7.641   -0.155  1.00 0.00 ? 3  IMC A C4     1 
HETATM 75  O O4     . IMC A 1 3  ? -2.040  7.718   1.002   1.00 0.00 ? 3  IMC A O4     1 
HETATM 76  N N3     . IMC A 1 3  ? -0.299  7.498   -0.412  1.00 0.00 ? 3  IMC A N3     1 
HETATM 77  C C2     . IMC A 1 3  ? 0.246   7.514   -1.639  1.00 0.00 ? 3  IMC A C2     1 
HETATM 78  N N2     . IMC A 1 3  ? 1.570   7.412   -1.753  1.00 0.00 ? 3  IMC A N2     1 
HETATM 79  C C5     . IMC A 1 3  ? -2.498  7.723   -1.315  1.00 0.00 ? 3  IMC A C5     1 
HETATM 80  C C5M    . IMC A 1 3  ? -4.021  7.873   -1.128  1.00 0.00 ? 3  IMC A C5M    1 
HETATM 81  C "C2'"  . IMC A 1 3  ? -0.337  6.486   -4.879  1.00 0.00 ? 3  IMC A "C2'"  1 
HETATM 82  C "C3'"  . IMC A 1 3  ? -1.121  6.931   -6.149  1.00 0.00 ? 3  IMC A "C3'"  1 
HETATM 83  O "O3'"  . IMC A 1 3  ? -0.657  6.478   -7.435  1.00 0.00 ? 3  IMC A "O3'"  1 
HETATM 84  H "H5'"  . IMC A 1 3  ? -1.638  10.254  -6.945  1.00 0.00 ? 3  IMC A "H5'"  1 
HETATM 85  H "H5''" . IMC A 1 3  ? -2.185  8.808   -7.815  1.00 0.00 ? 3  IMC A "H5''" 1 
HETATM 86  H "H4'"  . IMC A 1 3  ? -0.034  8.764   -6.538  1.00 0.00 ? 3  IMC A "H4'"  1 
HETATM 87  H "H1'"  . IMC A 1 3  ? 1.029   8.021   -4.089  1.00 0.00 ? 3  IMC A "H1'"  1 
HETATM 88  H H6     . IMC A 1 3  ? -2.488  7.670   -3.454  1.00 0.00 ? 3  IMC A H6     1 
HETATM 89  H HN21   . IMC A 1 3  ? 2.012   7.486   -2.653  1.00 0.00 ? 3  IMC A HN21   1 
HETATM 90  H HN22   . IMC A 1 3  ? 2.167   7.242   -0.951  1.00 0.00 ? 3  IMC A HN22   1 
HETATM 91  H H71    . IMC A 1 3  ? -4.252  7.937   -0.062  1.00 0.00 ? 3  IMC A H71    1 
HETATM 92  H H72    . IMC A 1 3  ? -4.373  8.791   -1.601  1.00 0.00 ? 3  IMC A H72    1 
HETATM 93  H H73    . IMC A 1 3  ? -4.556  7.018   -1.539  1.00 0.00 ? 3  IMC A H73    1 
HETATM 94  H "H2'"  . IMC A 1 3  ? -0.993  5.850   -4.271  1.00 0.00 ? 3  IMC A "H2'"  1 
HETATM 95  H "H2''" . IMC A 1 3  ? 0.594   5.927   -5.006  1.00 0.00 ? 3  IMC A "H2''" 1 
HETATM 96  H "H3'"  . IMC A 1 3  ? -2.172  6.674   -6.056  1.00 0.00 ? 3  IMC A "H3'"  1 
ATOM   97  P P      . DA  A 1 4  ? -0.396  4.943   -7.857  1.00 0.00 ? 4  DA  A P      1 
ATOM   98  O OP1    . DA  A 1 4  ? -0.169  4.872   -9.319  1.00 0.00 ? 4  DA  A OP1    1 
ATOM   99  O OP2    . DA  A 1 4  ? -1.424  4.085   -7.223  1.00 0.00 ? 4  DA  A OP2    1 
ATOM   100 O "O5'"  . DA  A 1 4  ? 1.000   4.710   -7.111  1.00 0.00 ? 4  DA  A "O5'"  1 
ATOM   101 C "C5'"  . DA  A 1 4  ? 2.113   5.586   -7.329  1.00 0.00 ? 4  DA  A "C5'"  1 
ATOM   102 C "C4'"  . DA  A 1 4  ? 3.392   5.087   -6.666  1.00 0.00 ? 4  DA  A "C4'"  1 
ATOM   103 O "O4'"  . DA  A 1 4  ? 3.082   4.991   -5.288  1.00 0.00 ? 4  DA  A "O4'"  1 
ATOM   104 C "C3'"  . DA  A 1 4  ? 3.816   3.700   -7.152  1.00 0.00 ? 4  DA  A "C3'"  1 
ATOM   105 O "O3'"  . DA  A 1 4  ? 5.215   3.410   -6.946  1.00 0.00 ? 4  DA  A "O3'"  1 
ATOM   106 C "C2'"  . DA  A 1 4  ? 2.863   2.873   -6.312  1.00 0.00 ? 4  DA  A "C2'"  1 
ATOM   107 C "C1'"  . DA  A 1 4  ? 2.758   3.632   -5.010  1.00 0.00 ? 4  DA  A "C1'"  1 
ATOM   108 N N9     . DA  A 1 4  ? 1.453   3.615   -4.318  1.00 0.00 ? 4  DA  A N9     1 
ATOM   109 C C8     . DA  A 1 4  ? 0.148   3.355   -4.694  1.00 0.00 ? 4  DA  A C8     1 
ATOM   110 N N7     . DA  A 1 4  ? -0.721  3.541   -3.728  1.00 0.00 ? 4  DA  A N7     1 
ATOM   111 C C5     . DA  A 1 4  ? 0.070   3.933   -2.650  1.00 0.00 ? 4  DA  A C5     1 
ATOM   112 C C6     . DA  A 1 4  ? -0.199  4.292   -1.319  1.00 0.00 ? 4  DA  A C6     1 
ATOM   113 N N6     . DA  A 1 4  ? -1.409  4.369   -0.774  1.00 0.00 ? 4  DA  A N6     1 
ATOM   114 N N1     . DA  A 1 4  ? 0.857   4.596   -0.552  1.00 0.00 ? 4  DA  A N1     1 
ATOM   115 C C2     . DA  A 1 4  ? 2.069   4.600   -1.083  1.00 0.00 ? 4  DA  A C2     1 
ATOM   116 N N3     . DA  A 1 4  ? 2.448   4.265   -2.285  1.00 0.00 ? 4  DA  A N3     1 
ATOM   117 C C4     . DA  A 1 4  ? 1.378   3.949   -3.019  1.00 0.00 ? 4  DA  A C4     1 
ATOM   118 H "H5'"  . DA  A 1 4  ? 1.869   6.527   -6.853  1.00 0.00 ? 4  DA  A "H5'"  1 
ATOM   119 H "H5''" . DA  A 1 4  ? 2.249   5.693   -8.395  1.00 0.00 ? 4  DA  A "H5''" 1 
ATOM   120 H "H4'"  . DA  A 1 4  ? 4.223   5.790   -6.689  1.00 0.00 ? 4  DA  A "H4'"  1 
ATOM   121 H "H3'"  . DA  A 1 4  ? 3.611   3.637   -8.224  1.00 0.00 ? 4  DA  A "H3'"  1 
ATOM   122 H "H2'"  . DA  A 1 4  ? 1.892   2.962   -6.776  1.00 0.00 ? 4  DA  A "H2'"  1 
ATOM   123 H "H2''" . DA  A 1 4  ? 3.146   1.831   -6.204  1.00 0.00 ? 4  DA  A "H2''" 1 
ATOM   124 H "H1'"  . DA  A 1 4  ? 3.545   3.394   -4.320  1.00 0.00 ? 4  DA  A "H1'"  1 
ATOM   125 H H8     . DA  A 1 4  ? -0.142  3.036   -5.699  1.00 0.00 ? 4  DA  A H8     1 
ATOM   126 H H61    . DA  A 1 4  ? -1.456  4.581   0.212   1.00 0.00 ? 4  DA  A H61    1 
ATOM   127 H H62    . DA  A 1 4  ? -2.244  4.200   -1.318  1.00 0.00 ? 4  DA  A H62    1 
ATOM   128 H H2     . DA  A 1 4  ? 2.887   4.936   -0.475  1.00 0.00 ? 4  DA  A H2     1 
HETATM 129 P P      . IMC A 1 5  ? 5.798   1.894   -6.922  1.00 0.00 ? 5  IMC A P      1 
HETATM 130 O OP1    . IMC A 1 5  ? 7.258   1.920   -7.165  1.00 0.00 ? 5  IMC A OP1    1 
HETATM 131 O OP2    . IMC A 1 5  ? 4.922   1.042   -7.761  1.00 0.00 ? 5  IMC A OP2    1 
HETATM 132 O "O5'"  . IMC A 1 5  ? 5.588   1.495   -5.372  1.00 0.00 ? 5  IMC A "O5'"  1 
HETATM 133 C "C5'"  . IMC A 1 5  ? 6.517   2.041   -4.420  1.00 0.00 ? 5  IMC A "C5'"  1 
HETATM 134 C "C4'"  . IMC A 1 5  ? 6.197   1.736   -2.951  1.00 0.00 ? 5  IMC A "C4'"  1 
HETATM 135 O "O4'"  . IMC A 1 5  ? 4.828   2.085   -2.752  1.00 0.00 ? 5  IMC A "O4'"  1 
HETATM 136 C "C1'"  . IMC A 1 5  ? 4.320   1.334   -1.656  1.00 0.00 ? 5  IMC A "C1'"  1 
HETATM 137 N N1     . IMC A 1 5  ? 2.936   0.896   -1.968  1.00 0.00 ? 5  IMC A N1     1 
HETATM 138 C C6     . IMC A 1 5  ? 2.630   0.414   -3.215  1.00 0.00 ? 5  IMC A C6     1 
HETATM 139 C C4     . IMC A 1 5  ? 0.304   0.564   -2.649  1.00 0.00 ? 5  IMC A C4     1 
HETATM 140 O O4     . IMC A 1 5  ? -0.891  0.564   -2.915  1.00 0.00 ? 5  IMC A O4     1 
HETATM 141 N N3     . IMC A 1 5  ? 0.711   0.869   -1.382  1.00 0.00 ? 5  IMC A N3     1 
HETATM 142 C C2     . IMC A 1 5  ? 1.993   1.020   -1.021  1.00 0.00 ? 5  IMC A C2     1 
HETATM 143 N N2     . IMC A 1 5  ? 2.296   1.271   0.253   1.00 0.00 ? 5  IMC A N2     1 
HETATM 144 C C5     . IMC A 1 5  ? 1.342   0.270   -3.609  1.00 0.00 ? 5  IMC A C5     1 
HETATM 145 C C5M    . IMC A 1 5  ? 0.937   -0.188  -5.032  1.00 0.00 ? 5  IMC A C5M    1 
HETATM 146 C "C2'"  . IMC A 1 5  ? 5.301   0.179   -1.449  1.00 0.00 ? 5  IMC A "C2'"  1 
HETATM 147 C "C3'"  . IMC A 1 5  ? 6.340   0.267   -2.596  1.00 0.00 ? 5  IMC A "C3'"  1 
HETATM 148 O "O3'"  . IMC A 1 5  ? 7.691   0.010   -2.159  1.00 0.00 ? 5  IMC A "O3'"  1 
HETATM 149 H "H5'"  . IMC A 1 5  ? 6.531   3.116   -4.574  1.00 0.00 ? 5  IMC A "H5'"  1 
HETATM 150 H "H5''" . IMC A 1 5  ? 7.487   1.621   -4.662  1.00 0.00 ? 5  IMC A "H5''" 1 
HETATM 151 H "H4'"  . IMC A 1 5  ? 6.819   2.274   -2.241  1.00 0.00 ? 5  IMC A "H4'"  1 
HETATM 152 H "H1'"  . IMC A 1 5  ? 4.323   2.030   -0.809  1.00 0.00 ? 5  IMC A "H1'"  1 
HETATM 153 H H6     . IMC A 1 5  ? 3.471   0.148   -3.817  1.00 0.00 ? 5  IMC A H6     1 
HETATM 154 H HN21   . IMC A 1 5  ? 3.246   1.505   0.502   1.00 0.00 ? 5  IMC A HN21   1 
HETATM 155 H HN22   . IMC A 1 5  ? 1.641   1.111   1.006   1.00 0.00 ? 5  IMC A HN22   1 
HETATM 156 H H71    . IMC A 1 5  ? 1.236   0.538   -5.787  1.00 0.00 ? 5  IMC A H71    1 
HETATM 157 H H72    . IMC A 1 5  ? 1.362   -1.159  -5.277  1.00 0.00 ? 5  IMC A H72    1 
HETATM 158 H H73    . IMC A 1 5  ? -0.152  -0.287  -5.092  1.00 0.00 ? 5  IMC A H73    1 
HETATM 159 H "H2'"  . IMC A 1 5  ? 4.753   -0.758  -1.524  1.00 0.00 ? 5  IMC A "H2'"  1 
HETATM 160 H "H2''" . IMC A 1 5  ? 5.720   0.290   -0.436  1.00 0.00 ? 5  IMC A "H2''" 1 
HETATM 161 H "H3'"  . IMC A 1 5  ? 6.112   -0.302  -3.505  1.00 0.00 ? 5  IMC A "H3'"  1 
HETATM 162 P P      . IGU A 1 6  ? 8.358   -1.464  -2.046  1.00 0.00 ? 6  IGU A P      1 
HETATM 163 O OP1    . IGU A 1 6  ? 9.832   -1.319  -2.005  1.00 0.00 ? 6  IGU A OP1    1 
HETATM 164 O OP2    . IGU A 1 6  ? 7.729   -2.336  -3.064  1.00 0.00 ? 6  IGU A OP2    1 
HETATM 165 O "O5'"  . IGU A 1 6  ? 7.852   -1.944  -0.594  1.00 0.00 ? 6  IGU A "O5'"  1 
HETATM 166 C "C5'"  . IGU A 1 6  ? 8.220   -1.180  0.560   1.00 0.00 ? 6  IGU A "C5'"  1 
HETATM 167 C "C4'"  . IGU A 1 6  ? 7.371   -1.466  1.789   1.00 0.00 ? 6  IGU A "C4'"  1 
HETATM 168 O "O4'"  . IGU A 1 6  ? 5.972   -1.323  1.474   1.00 0.00 ? 6  IGU A "O4'"  1 
HETATM 169 C "C3'"  . IGU A 1 6  ? 7.579   -2.855  2.350   1.00 0.00 ? 6  IGU A "C3'"  1 
HETATM 170 O "O3'"  . IGU A 1 6  ? 7.299   -2.843  3.758   1.00 0.00 ? 6  IGU A "O3'"  1 
HETATM 171 C "C2'"  . IGU A 1 6  ? 6.541   -3.552  1.527   1.00 0.00 ? 6  IGU A "C2'"  1 
HETATM 172 C "C1'"  . IGU A 1 6  ? 5.345   -2.607  1.586   1.00 0.00 ? 6  IGU A "C1'"  1 
HETATM 173 N N9     . IGU A 1 6  ? 4.338   -2.762  0.520   1.00 0.00 ? 6  IGU A N9     1 
HETATM 174 C C8     . IGU A 1 6  ? 4.513   -3.042  -0.811  1.00 0.00 ? 6  IGU A C8     1 
HETATM 175 N N7     . IGU A 1 6  ? 3.414   -2.951  -1.520  1.00 0.00 ? 6  IGU A N7     1 
HETATM 176 C C6     . IGU A 1 6  ? 1.050   -2.408  -0.626  1.00 0.00 ? 6  IGU A C6     1 
HETATM 177 N N6     . IGU A 1 6  ? 0.300   -2.417  -1.727  1.00 0.00 ? 6  IGU A N6     1 
HETATM 178 C C5     . IGU A 1 6  ? 2.439   -2.646  -0.569  1.00 0.00 ? 6  IGU A C5     1 
HETATM 179 N N1     . IGU A 1 6  ? 0.392   -2.167  0.570   1.00 0.00 ? 6  IGU A N1     1 
HETATM 180 C C2     . IGU A 1 6  ? 0.997   -2.167  1.823   1.00 0.00 ? 6  IGU A C2     1 
HETATM 181 O O2     . IGU A 1 6  ? 0.321   -2.029  2.837   1.00 0.00 ? 6  IGU A O2     1 
HETATM 182 N N3     . IGU A 1 6  ? 2.343   -2.350  1.850   1.00 0.00 ? 6  IGU A N3     1 
HETATM 183 C C4     . IGU A 1 6  ? 2.989   -2.584  0.680   1.00 0.00 ? 6  IGU A C4     1 
HETATM 184 H "H5'"  . IGU A 1 6  ? 8.034   -0.139  0.374   1.00 0.00 ? 6  IGU A "H5'"  1 
HETATM 185 H "H5''" . IGU A 1 6  ? 9.281   -1.320  0.736   1.00 0.00 ? 6  IGU A "H5''" 1 
HETATM 186 H "H4'"  . IGU A 1 6  ? 7.570   -0.748  2.573   1.00 0.00 ? 6  IGU A "H4'"  1 
HETATM 187 H "H3'"  . IGU A 1 6  ? 8.607   -3.191  2.185   1.00 0.00 ? 6  IGU A "H3'"  1 
HETATM 188 H "H2'"  . IGU A 1 6  ? 6.933   -3.588  0.511   1.00 0.00 ? 6  IGU A "H2'"  1 
HETATM 189 H "H2''" . IGU A 1 6  ? 6.366   -4.548  1.896   1.00 0.00 ? 6  IGU A "H2''" 1 
HETATM 190 H "H1'"  . IGU A 1 6  ? 4.836   -2.635  2.543   1.00 0.00 ? 6  IGU A "H1'"  1 
HETATM 191 H H8     . IGU A 1 6  ? 5.500   -3.321  -1.207  1.00 0.00 ? 6  IGU A H8     1 
HETATM 192 H HN61   . IGU A 1 6  ? -0.660  -2.111  -1.675  1.00 0.00 ? 6  IGU A HN61   1 
HETATM 193 H HN62   . IGU A 1 6  ? 0.674   -2.781  -2.591  1.00 0.00 ? 6  IGU A HN62   1 
HETATM 194 H HN1    . IGU A 1 6  ? -0.601  -1.978  0.550   1.00 0.00 ? 6  IGU A HN1    1 
HETATM 195 P P      . IGU A 1 7  ? 7.503   -4.121  4.725   1.00 0.00 ? 7  IGU A P      1 
HETATM 196 O OP1    . IGU A 1 7  ? 7.853   -3.616  6.071   1.00 0.00 ? 7  IGU A OP1    1 
HETATM 197 O OP2    . IGU A 1 7  ? 8.408   -5.078  4.048   1.00 0.00 ? 7  IGU A OP2    1 
HETATM 198 O "O5'"  . IGU A 1 7  ? 6.046   -4.806  4.801   1.00 0.00 ? 7  IGU A "O5'"  1 
HETATM 199 C "C5'"  . IGU A 1 7  ? 5.155   -4.604  5.910   1.00 0.00 ? 7  IGU A "C5'"  1 
HETATM 200 C "C4'"  . IGU A 1 7  ? 3.822   -5.274  5.684   1.00 0.00 ? 7  IGU A "C4'"  1 
HETATM 201 O "O4'"  . IGU A 1 7  ? 3.260   -4.750  4.470   1.00 0.00 ? 7  IGU A "O4'"  1 
HETATM 202 C "C3'"  . IGU A 1 7  ? 3.955   -6.779  5.544   1.00 0.00 ? 7  IGU A "C3'"  1 
HETATM 203 O "O3'"  . IGU A 1 7  ? 3.788   -7.446  6.816   1.00 0.00 ? 7  IGU A "O3'"  1 
HETATM 204 C "C2'"  . IGU A 1 7  ? 2.945   -7.017  4.436   1.00 0.00 ? 7  IGU A "C2'"  1 
HETATM 205 C "C1'"  . IGU A 1 7  ? 2.282   -5.699  4.053   1.00 0.00 ? 7  IGU A "C1'"  1 
HETATM 206 N N9     . IGU A 1 7  ? 2.118   -5.659  2.597   1.00 0.00 ? 7  IGU A N9     1 
HETATM 207 C C8     . IGU A 1 7  ? 3.056   -5.880  1.646   1.00 0.00 ? 7  IGU A C8     1 
HETATM 208 N N7     . IGU A 1 7  ? 2.625   -5.827  0.416   1.00 0.00 ? 7  IGU A N7     1 
HETATM 209 C C6     . IGU A 1 7  ? 0.210   -5.304  -0.293  1.00 0.00 ? 7  IGU A C6     1 
HETATM 210 N N6     . IGU A 1 7  ? 0.271   -5.363  -1.621  1.00 0.00 ? 7  IGU A N6     1 
HETATM 211 C C5     . IGU A 1 7  ? 1.276   -5.527  0.589   1.00 0.00 ? 7  IGU A C5     1 
HETATM 212 N N1     . IGU A 1 7  ? -1.020  -5.003  0.265   1.00 0.00 ? 7  IGU A N1     1 
HETATM 213 C C2     . IGU A 1 7  ? -1.283  -4.951  1.632   1.00 0.00 ? 7  IGU A C2     1 
HETATM 214 O O2     . IGU A 1 7  ? -2.422  -4.795  2.055   1.00 0.00 ? 7  IGU A O2     1 
HETATM 215 N N3     . IGU A 1 7  ? -0.229  -5.115  2.462   1.00 0.00 ? 7  IGU A N3     1 
HETATM 216 C C4     . IGU A 1 7  ? 0.972   -5.405  1.918   1.00 0.00 ? 7  IGU A C4     1 
HETATM 217 H "H5'"  . IGU A 1 7  ? 4.942   -3.544  6.027   1.00 0.00 ? 7  IGU A "H5'"  1 
HETATM 218 H "H5''" . IGU A 1 7  ? 5.593   -5.021  6.816   1.00 0.00 ? 7  IGU A "H5''" 1 
HETATM 219 H "H4'"  . IGU A 1 7  ? 3.137   -5.135  6.516   1.00 0.00 ? 7  IGU A "H4'"  1 
HETATM 220 H "H3'"  . IGU A 1 7  ? 4.906   -7.085  5.135   1.00 0.00 ? 7  IGU A "H3'"  1 
HETATM 221 H "H2'"  . IGU A 1 7  ? 3.505   -7.389  3.583   1.00 0.00 ? 7  IGU A "H2'"  1 
HETATM 222 H "H2''" . IGU A 1 7  ? 2.201   -7.722  4.707   1.00 0.00 ? 7  IGU A "H2''" 1 
HETATM 223 H "H1'"  . IGU A 1 7  ? 1.282   -5.561  4.475   1.00 0.00 ? 7  IGU A "H1'"  1 
HETATM 224 H H8     . IGU A 1 7  ? 4.060   -6.084  2.007   1.00 0.00 ? 7  IGU A H8     1 
HETATM 225 H HN61   . IGU A 1 7  ? -0.537  -5.079  -2.158  1.00 0.00 ? 7  IGU A HN61   1 
HETATM 226 H HN62   . IGU A 1 7  ? 1.095   -5.715  -2.085  1.00 0.00 ? 7  IGU A HN62   1 
HETATM 227 H HN1    . IGU A 1 7  ? -1.788  -4.798  -0.361  1.00 0.00 ? 7  IGU A HN1    1 
ATOM   228 P P      . DA  A 1 8  ? 3.212   -8.949  7.004   1.00 0.00 ? 8  DA  A P      1 
ATOM   229 O OP1    . DA  A 1 8  ? 3.153   -9.302  8.441   1.00 0.00 ? 8  DA  A OP1    1 
ATOM   230 O OP2    . DA  A 1 8  ? 3.874   -9.847  6.030   1.00 0.00 ? 8  DA  A OP2    1 
ATOM   231 O "O5'"  . DA  A 1 8  ? 1.710   -8.687  6.517   1.00 0.00 ? 8  DA  A "O5'"  1 
ATOM   232 C "C5'"  . DA  A 1 8  ? 0.985   -7.628  7.155   1.00 0.00 ? 8  DA  A "C5'"  1 
ATOM   233 C "C4'"  . DA  A 1 8  ? -0.458  -7.557  6.739   1.00 0.00 ? 8  DA  A "C4'"  1 
ATOM   234 O "O4'"  . DA  A 1 8  ? -0.437  -7.383  5.315   1.00 0.00 ? 8  DA  A "O4'"  1 
ATOM   235 C "C3'"  . DA  A 1 8  ? -1.130  -8.893  7.043   1.00 0.00 ? 8  DA  A "C3'"  1 
ATOM   236 O "O3'"  . DA  A 1 8  ? -2.336  -8.981  7.797   1.00 0.00 ? 8  DA  A "O3'"  1 
ATOM   237 C "C2'"  . DA  A 1 8  ? -0.874  -9.638  5.785   1.00 0.00 ? 8  DA  A "C2'"  1 
ATOM   238 C "C1'"  . DA  A 1 8  ? -0.970  -8.572  4.741   1.00 0.00 ? 8  DA  A "C1'"  1 
ATOM   239 N N9     . DA  A 1 8  ? -0.341  -8.871  3.454   1.00 0.00 ? 8  DA  A N9     1 
ATOM   240 C C8     . DA  A 1 8  ? 0.835   -9.491  3.185   1.00 0.00 ? 8  DA  A C8     1 
ATOM   241 N N7     . DA  A 1 8  ? 1.189   -9.478  1.930   1.00 0.00 ? 8  DA  A N7     1 
ATOM   242 C C5     . DA  A 1 8  ? 0.100   -8.866  1.314   1.00 0.00 ? 8  DA  A C5     1 
ATOM   243 C C6     . DA  A 1 8  ? -0.195  -8.539  -0.015  1.00 0.00 ? 8  DA  A C6     1 
ATOM   244 N N6     . DA  A 1 8  ? 0.592   -8.743  -1.064  1.00 0.00 ? 8  DA  A N6     1 
ATOM   245 N N1     . DA  A 1 8  ? -1.372  -7.959  -0.238  1.00 0.00 ? 8  DA  A N1     1 
ATOM   246 C C2     . DA  A 1 8  ? -2.195  -7.690  0.759   1.00 0.00 ? 8  DA  A C2     1 
ATOM   247 N N3     . DA  A 1 8  ? -2.031  -7.928  2.037   1.00 0.00 ? 8  DA  A N3     1 
ATOM   248 C C4     . DA  A 1 8  ? -0.843  -8.524  2.243   1.00 0.00 ? 8  DA  A C4     1 
ATOM   249 H "H5'"  . DA  A 1 8  ? 1.414   -6.692  6.839   1.00 0.00 ? 8  DA  A "H5'"  1 
ATOM   250 H "H5''" . DA  A 1 8  ? 1.071   -7.752  8.224   1.00 0.00 ? 8  DA  A "H5''" 1 
ATOM   251 H "H4'"  . DA  A 1 8  ? -0.955  -6.710  7.217   1.00 0.00 ? 8  DA  A "H4'"  1 
ATOM   252 H "H3'"  . DA  A 1 8  ? -0.554  -9.464  7.702   1.00 0.00 ? 8  DA  A "H3'"  1 
ATOM   253 H "H2'"  . DA  A 1 8  ? 0.167   -9.957  5.859   1.00 0.00 ? 8  DA  A "H2'"  1 
ATOM   254 H "H2''" . DA  A 1 8  ? -1.538  -10.475 5.653   1.00 0.00 ? 8  DA  A "H2''" 1 
ATOM   255 H "H1'"  . DA  A 1 8  ? -1.996  -8.366  4.603   1.00 0.00 ? 8  DA  A "H1'"  1 
ATOM   256 H H8     . DA  A 1 8  ? 1.372   -9.960  4.000   1.00 0.00 ? 8  DA  A H8     1 
ATOM   257 H H61    . DA  A 1 8  ? 0.278   -8.420  -1.970  1.00 0.00 ? 8  DA  A H61    1 
ATOM   258 H H62    . DA  A 1 8  ? 1.481   -9.211  -0.966  1.00 0.00 ? 8  DA  A H62    1 
ATOM   259 H H2     . DA  A 1 8  ? -3.128  -7.206  0.501   1.00 0.00 ? 8  DA  A H2     1 
HETATM 260 P P      . IMC A 1 9  ? -3.000  -10.420 8.186   1.00 0.00 ? 9  IMC A P      1 
HETATM 261 O OP1    . IMC A 1 9  ? -3.769  -10.275 9.444   1.00 0.00 ? 9  IMC A OP1    1 
HETATM 262 O OP2    . IMC A 1 9  ? -1.991  -11.495 8.049   1.00 0.00 ? 9  IMC A OP2    1 
HETATM 263 O "O5'"  . IMC A 1 9  ? -4.027  -10.511 6.941   1.00 0.00 ? 9  IMC A "O5'"  1 
HETATM 264 C "C5'"  . IMC A 1 9  ? -4.664  -9.268  6.623   1.00 0.00 ? 9  IMC A "C5'"  1 
HETATM 265 C "C4'"  . IMC A 1 9  ? -4.961  -9.052  5.117   1.00 0.00 ? 9  IMC A "C4'"  1 
HETATM 266 O "O4'"  . IMC A 1 9  ? -3.822  -9.402  4.319   1.00 0.00 ? 9  IMC A "O4'"  1 
HETATM 267 C "C1'"  . IMC A 1 9  ? -4.292  -9.716  2.995   1.00 0.00 ? 9  IMC A "C1'"  1 
HETATM 268 N N1     . IMC A 1 9  ? -3.357  -10.657 2.324   1.00 0.00 ? 9  IMC A N1     1 
HETATM 269 C C6     . IMC A 1 9  ? -2.542  -11.374 3.131   1.00 0.00 ? 9  IMC A C6     1 
HETATM 270 C C4     . IMC A 1 9  ? -1.171  -11.892 1.242   1.00 0.00 ? 9  IMC A C4     1 
HETATM 271 O O4     . IMC A 1 9  ? -0.148  -12.325 0.718   1.00 0.00 ? 9  IMC A O4     1 
HETATM 272 N N3     . IMC A 1 9  ? -2.168  -11.342 0.485   1.00 0.00 ? 9  IMC A N3     1 
HETATM 273 C C2     . IMC A 1 9  ? -3.277  -10.775 0.987   1.00 0.00 ? 9  IMC A C2     1 
HETATM 274 N N2     . IMC A 1 9  ? -4.264  -10.420 0.162   1.00 0.00 ? 9  IMC A N2     1 
HETATM 275 C C5     . IMC A 1 9  ? -1.407  -11.918 2.667   1.00 0.00 ? 9  IMC A C5     1 
HETATM 276 C C5M    . IMC A 1 9  ? -0.362  -12.531 3.604   1.00 0.00 ? 9  IMC A C5M    1 
HETATM 277 C "C2'"  . IMC A 1 9  ? -5.540  -10.449 3.264   1.00 0.00 ? 9  IMC A "C2'"  1 
HETATM 278 C "C3'"  . IMC A 1 9  ? -6.100  -9.915  4.563   1.00 0.00 ? 9  IMC A "C3'"  1 
HETATM 279 O "O3'"  . IMC A 1 9  ? -7.333  -9.191  4.363   1.00 0.00 ? 9  IMC A "O3'"  1 
HETATM 280 H "H5'"  . IMC A 1 9  ? -3.938  -8.516  6.933   1.00 0.00 ? 9  IMC A "H5'"  1 
HETATM 281 H "H5''" . IMC A 1 9  ? -5.506  -9.160  7.308   1.00 0.00 ? 9  IMC A "H5''" 1 
HETATM 282 H "H4'"  . IMC A 1 9  ? -5.110  -7.996  4.930   1.00 0.00 ? 9  IMC A "H4'"  1 
HETATM 283 H "H1'"  . IMC A 1 9  ? -4.542  -8.828  2.443   1.00 0.00 ? 9  IMC A "H1'"  1 
HETATM 284 H H6     . IMC A 1 9  ? -2.951  -11.452 4.119   1.00 0.00 ? 9  IMC A H6     1 
HETATM 285 H HN21   . IMC A 1 9  ? -5.169  -10.131 0.502   1.00 0.00 ? 9  IMC A HN21   1 
HETATM 286 H HN22   . IMC A 1 9  ? -4.144  -10.501 -0.839  1.00 0.00 ? 9  IMC A HN22   1 
HETATM 287 H H71    . IMC A 1 9  ? 0.476   -12.902 3.009   1.00 0.00 ? 9  IMC A H71    1 
HETATM 288 H H72    . IMC A 1 9  ? 0.018   -11.763 4.278   1.00 0.00 ? 9  IMC A H72    1 
HETATM 289 H H73    . IMC A 1 9  ? -0.790  -13.348 4.180   1.00 0.00 ? 9  IMC A H73    1 
HETATM 290 H "H2'"  . IMC A 1 9  ? -5.157  -11.452 3.452   1.00 0.00 ? 9  IMC A "H2'"  1 
HETATM 291 H "H2''" . IMC A 1 9  ? -6.170  -10.321 2.381   1.00 0.00 ? 9  IMC A "H2''" 1 
HETATM 292 H "H3'"  . IMC A 1 9  ? -6.154  -10.761 5.235   1.00 0.00 ? 9  IMC A "H3'"  1 
ATOM   293 P P      . DT  A 1 10 ? -8.808  -9.846  4.125   1.00 0.00 ? 10 DT  A P      1 
ATOM   294 O OP1    . DT  A 1 10 ? -9.818  -8.890  4.630   1.00 0.00 ? 10 DT  A OP1    1 
ATOM   295 O OP2    . DT  A 1 10 ? -8.785  -11.232 4.645   1.00 0.00 ? 10 DT  A OP2    1 
ATOM   296 O "O5'"  . DT  A 1 10 ? -8.981  -9.944  2.524   1.00 0.00 ? 10 DT  A "O5'"  1 
ATOM   297 C "C5'"  . DT  A 1 10 ? -8.784  -8.783  1.711   1.00 0.00 ? 10 DT  A "C5'"  1 
ATOM   298 C "C4'"  . DT  A 1 10 ? -8.233  -9.111  0.310   1.00 0.00 ? 10 DT  A "C4'"  1 
ATOM   299 O "O4'"  . DT  A 1 10 ? -7.173  -10.070 0.477   1.00 0.00 ? 10 DT  A "O4'"  1 
ATOM   300 C "C3'"  . DT  A 1 10 ? -9.151  -9.702  -0.786  1.00 0.00 ? 10 DT  A "C3'"  1 
ATOM   301 O "O3'"  . DT  A 1 10 ? -8.618  -9.286  -2.040  1.00 0.00 ? 10 DT  A "O3'"  1 
ATOM   302 C "C2'"  . DT  A 1 10 ? -8.896  -11.184 -0.651  1.00 0.00 ? 10 DT  A "C2'"  1 
ATOM   303 C "C1'"  . DT  A 1 10 ? -7.398  -11.172 -0.424  1.00 0.00 ? 10 DT  A "C1'"  1 
ATOM   304 N N1     . DT  A 1 10 ? -6.843  -12.411 0.150   1.00 0.00 ? 10 DT  A N1     1 
ATOM   305 C C2     . DT  A 1 10 ? -6.025  -13.201 -0.638  1.00 0.00 ? 10 DT  A C2     1 
ATOM   306 O O2     . DT  A 1 10 ? -5.919  -13.055 -1.856  1.00 0.00 ? 10 DT  A O2     1 
ATOM   307 N N3     . DT  A 1 10 ? -5.336  -14.195 0.025   1.00 0.00 ? 10 DT  A N3     1 
ATOM   308 C C4     . DT  A 1 10 ? -5.485  -14.545 1.357   1.00 0.00 ? 10 DT  A C4     1 
ATOM   309 O O4     . DT  A 1 10 ? -4.811  -15.457 1.834   1.00 0.00 ? 10 DT  A O4     1 
ATOM   310 C C5     . DT  A 1 10 ? -6.471  -13.745 2.069   1.00 0.00 ? 10 DT  A C5     1 
ATOM   311 C C7     . DT  A 1 10 ? -6.786  -14.055 3.542   1.00 0.00 ? 10 DT  A C7     1 
ATOM   312 C C6     . DT  A 1 10 ? -7.112  -12.729 1.444   1.00 0.00 ? 10 DT  A C6     1 
ATOM   313 H "H5'"  . DT  A 1 10 ? -8.007  -8.193  2.187   1.00 0.00 ? 10 DT  A "H5'"  1 
ATOM   314 H "H5''" . DT  A 1 10 ? -9.677  -8.154  1.721   1.00 0.00 ? 10 DT  A "H5''" 1 
ATOM   315 H "H4'"  . DT  A 1 10 ? -7.691  -8.267  -0.092  1.00 0.00 ? 10 DT  A "H4'"  1 
ATOM   316 H "H3'"  . DT  A 1 10 ? -10.186 -9.374  -0.773  1.00 0.00 ? 10 DT  A "H3'"  1 
ATOM   317 H "HO3'" . DT  A 1 10 ? -8.779  -8.344  -2.134  1.00 0.00 ? 10 DT  A "HO3'" 1 
ATOM   318 H "H2'"  . DT  A 1 10 ? -9.440  -11.564 0.214   1.00 0.00 ? 10 DT  A "H2'"  1 
ATOM   319 H "H2''" . DT  A 1 10 ? -9.136  -11.772 -1.547  1.00 0.00 ? 10 DT  A "H2''" 1 
ATOM   320 H "H1'"  . DT  A 1 10 ? -6.910  -10.935 -1.364  1.00 0.00 ? 10 DT  A "H1'"  1 
ATOM   321 H H3     . DT  A 1 10 ? -4.658  -14.690 -0.535  1.00 0.00 ? 10 DT  A H3     1 
ATOM   322 H H71    . DT  A 1 10 ? -7.838  -14.315 3.655   1.00 0.00 ? 10 DT  A H71    1 
ATOM   323 H H72    . DT  A 1 10 ? -6.177  -14.893 3.886   1.00 0.00 ? 10 DT  A H72    1 
ATOM   324 H H73    . DT  A 1 10 ? -6.565  -13.188 4.165   1.00 0.00 ? 10 DT  A H73    1 
ATOM   325 H H6     . DT  A 1 10 ? -7.868  -12.115 1.909   1.00 0.00 ? 10 DT  A H6     1 
ATOM   326 O "O5'"  . DA  B 2 1  ? 10.367  14.564  0.340   1.00 0.00 ? 11 DA  B "O5'"  1 
ATOM   327 C "C5'"  . DA  B 2 1  ? 9.594   15.511  1.078   1.00 0.00 ? 11 DA  B "C5'"  1 
ATOM   328 C "C4'"  . DA  B 2 1  ? 9.171   15.024  2.475   1.00 0.00 ? 11 DA  B "C4'"  1 
ATOM   329 O "O4'"  . DA  B 2 1  ? 7.825   14.568  2.467   1.00 0.00 ? 11 DA  B "O4'"  1 
ATOM   330 C "C3'"  . DA  B 2 1  ? 10.053  13.895  2.985   1.00 0.00 ? 11 DA  B "C3'"  1 
ATOM   331 O "O3'"  . DA  B 2 1  ? 10.284  13.859  4.400   1.00 0.00 ? 11 DA  B "O3'"  1 
ATOM   332 C "C2'"  . DA  B 2 1  ? 9.269   12.722  2.444   1.00 0.00 ? 11 DA  B "C2'"  1 
ATOM   333 C "C1'"  . DA  B 2 1  ? 7.823   13.146  2.452   1.00 0.00 ? 11 DA  B "C1'"  1 
ATOM   334 N N9     . DA  B 2 1  ? 7.091   12.790  1.207   1.00 0.00 ? 11 DA  B N9     1 
ATOM   335 C C8     . DA  B 2 1  ? 5.761   12.632  1.114   1.00 0.00 ? 11 DA  B C8     1 
ATOM   336 N N7     . DA  B 2 1  ? 5.291   12.394  -0.077  1.00 0.00 ? 11 DA  B N7     1 
ATOM   337 C C5     . DA  B 2 1  ? 6.442   12.376  -0.860  1.00 0.00 ? 11 DA  B C5     1 
ATOM   338 C C6     . DA  B 2 1  ? 6.660   12.165  -2.233  1.00 0.00 ? 11 DA  B C6     1 
ATOM   339 N N6     . DA  B 2 1  ? 5.698   11.882  -3.105  1.00 0.00 ? 11 DA  B N6     1 
ATOM   340 N N1     . DA  B 2 1  ? 7.922   12.229  -2.676  1.00 0.00 ? 11 DA  B N1     1 
ATOM   341 C C2     . DA  B 2 1  ? 8.911   12.442  -1.825  1.00 0.00 ? 11 DA  B C2     1 
ATOM   342 N N3     . DA  B 2 1  ? 8.832   12.618  -0.511  1.00 0.00 ? 11 DA  B N3     1 
ATOM   343 C C4     . DA  B 2 1  ? 7.550   12.591  -0.087  1.00 0.00 ? 11 DA  B C4     1 
ATOM   344 H "H5'"  . DA  B 2 1  ? 8.675   15.683  0.510   1.00 0.00 ? 11 DA  B "H5'"  1 
ATOM   345 H "H5''" . DA  B 2 1  ? 10.220  16.390  1.148   1.00 0.00 ? 11 DA  B "H5''" 1 
ATOM   346 H "H4'"  . DA  B 2 1  ? 9.187   15.815  3.222   1.00 0.00 ? 11 DA  B "H4'"  1 
ATOM   347 H "H3'"  . DA  B 2 1  ? 11.024  13.970  2.510   1.00 0.00 ? 11 DA  B "H3'"  1 
ATOM   348 H "H2'"  . DA  B 2 1  ? 9.558   12.559  1.408   1.00 0.00 ? 11 DA  B "H2'"  1 
ATOM   349 H "H2''" . DA  B 2 1  ? 9.384   11.843  3.067   1.00 0.00 ? 11 DA  B "H2''" 1 
ATOM   350 H "H1'"  . DA  B 2 1  ? 7.354   12.823  3.390   1.00 0.00 ? 11 DA  B "H1'"  1 
ATOM   351 H H8     . DA  B 2 1  ? 5.217   12.724  2.041   1.00 0.00 ? 11 DA  B H8     1 
ATOM   352 H H61    . DA  B 2 1  ? 5.892   11.926  -4.095  1.00 0.00 ? 11 DA  B H61    1 
ATOM   353 H H62    . DA  B 2 1  ? 4.837   11.465  -2.774  1.00 0.00 ? 11 DA  B H62    1 
ATOM   354 H H2     . DA  B 2 1  ? 9.907   12.479  -2.280  1.00 0.00 ? 11 DA  B H2     1 
ATOM   355 H "HO5'" . DA  B 2 1  ? 9.783   13.847  0.074   1.00 0.00 ? 11 DA  B "HO5'" 1 
ATOM   356 P P      . DC  B 2 2  ? 11.084  12.613  5.069   1.00 0.00 ? 12 DC  B P      1 
ATOM   357 O OP1    . DC  B 2 2  ? 11.485  12.995  6.443   1.00 0.00 ? 12 DC  B OP1    1 
ATOM   358 O OP2    . DC  B 2 2  ? 12.103  12.143  4.102   1.00 0.00 ? 12 DC  B OP2    1 
ATOM   359 O "O5'"  . DC  B 2 2  ? 9.911   11.516  5.153   1.00 0.00 ? 12 DC  B "O5'"  1 
ATOM   360 C "C5'"  . DC  B 2 2  ? 8.852   11.734  6.089   1.00 0.00 ? 12 DC  B "C5'"  1 
ATOM   361 C "C4'"  . DC  B 2 2  ? 7.664   10.807  5.907   1.00 0.00 ? 12 DC  B "C4'"  1 
ATOM   362 O "O4'"  . DC  B 2 2  ? 7.122   10.919  4.600   1.00 0.00 ? 12 DC  B "O4'"  1 
ATOM   363 C "C3'"  . DC  B 2 2  ? 8.086   9.352   6.058   1.00 0.00 ? 12 DC  B "C3'"  1 
ATOM   364 O "O3'"  . DC  B 2 2  ? 8.127   8.772   7.374   1.00 0.00 ? 12 DC  B "O3'"  1 
ATOM   365 C "C2'"  . DC  B 2 2  ? 7.093   8.651   5.137   1.00 0.00 ? 12 DC  B "C2'"  1 
ATOM   366 C "C1'"  . DC  B 2 2  ? 6.307   9.749   4.421   1.00 0.00 ? 12 DC  B "C1'"  1 
ATOM   367 N N1     . DC  B 2 2  ? 6.238   9.587   2.954   1.00 0.00 ? 12 DC  B N1     1 
ATOM   368 C C2     . DC  B 2 2  ? 5.013   9.531   2.297   1.00 0.00 ? 12 DC  B C2     1 
ATOM   369 O O2     . DC  B 2 2  ? 3.939   9.567   2.898   1.00 0.00 ? 12 DC  B O2     1 
ATOM   370 N N3     . DC  B 2 2  ? 5.017   9.442   0.942   1.00 0.00 ? 12 DC  B N3     1 
ATOM   371 C C4     . DC  B 2 2  ? 6.158   9.435   0.239   1.00 0.00 ? 12 DC  B C4     1 
ATOM   372 N N4     . DC  B 2 2  ? 6.092   9.349   -1.089  1.00 0.00 ? 12 DC  B N4     1 
ATOM   373 C C5     . DC  B 2 2  ? 7.430   9.516   0.894   1.00 0.00 ? 12 DC  B C5     1 
ATOM   374 C C6     . DC  B 2 2  ? 7.409   9.525   2.270   1.00 0.00 ? 12 DC  B C6     1 
ATOM   375 H "H5'"  . DC  B 2 2  ? 8.501   12.752  5.988   1.00 0.00 ? 12 DC  B "H5'"  1 
ATOM   376 H "H5''" . DC  B 2 2  ? 9.274   11.570  7.075   1.00 0.00 ? 12 DC  B "H5''" 1 
ATOM   377 H "H4'"  . DC  B 2 2  ? 6.817   11.095  6.506   1.00 0.00 ? 12 DC  B "H4'"  1 
ATOM   378 H "H3'"  . DC  B 2 2  ? 9.101   9.325   5.668   1.00 0.00 ? 12 DC  B "H3'"  1 
ATOM   379 H "H2'"  . DC  B 2 2  ? 7.682   8.041   4.450   1.00 0.00 ? 12 DC  B "H2'"  1 
ATOM   380 H "H2''" . DC  B 2 2  ? 6.391   8.050   5.713   1.00 0.00 ? 12 DC  B "H2''" 1 
ATOM   381 H "H1'"  . DC  B 2 2  ? 5.320   9.791   4.897   1.00 0.00 ? 12 DC  B "H1'"  1 
ATOM   382 H H41    . DC  B 2 2  ? 5.203   9.496   -1.552  1.00 0.00 ? 12 DC  B H41    1 
ATOM   383 H H42    . DC  B 2 2  ? 6.917   9.131   -1.633  1.00 0.00 ? 12 DC  B H42    1 
ATOM   384 H H5     . DC  B 2 2  ? 8.375   9.599   0.395   1.00 0.00 ? 12 DC  B H5     1 
ATOM   385 H H6     . DC  B 2 2  ? 8.314   9.481   2.841   1.00 0.00 ? 12 DC  B H6     1 
ATOM   386 P P      . DG  B 2 3  ? 8.502   7.196   7.541   1.00 0.00 ? 13 DG  B P      1 
ATOM   387 O OP1    . DG  B 2 3  ? 9.110   6.997   8.876   1.00 0.00 ? 13 DG  B OP1    1 
ATOM   388 O OP2    . DG  B 2 3  ? 9.241   6.781   6.326   1.00 0.00 ? 13 DG  B OP2    1 
ATOM   389 O "O5'"  . DG  B 2 3  ? 7.042   6.505   7.541   1.00 0.00 ? 13 DG  B "O5'"  1 
ATOM   390 C "C5'"  . DG  B 2 3  ? 6.138   7.034   8.515   1.00 0.00 ? 13 DG  B "C5'"  1 
ATOM   391 C "C4'"  . DG  B 2 3  ? 4.676   7.029   8.143   1.00 0.00 ? 13 DG  B "C4'"  1 
ATOM   392 O "O4'"  . DG  B 2 3  ? 4.529   7.488   6.787   1.00 0.00 ? 13 DG  B "O4'"  1 
ATOM   393 C "C3'"  . DG  B 2 3  ? 4.028   5.661   8.274   1.00 0.00 ? 13 DG  B "C3'"  1 
ATOM   394 O "O3'"  . DG  B 2 3  ? 2.649   5.708   8.664   1.00 0.00 ? 13 DG  B "O3'"  1 
ATOM   395 C "C2'"  . DG  B 2 3  ? 4.151   5.226   6.878   1.00 0.00 ? 13 DG  B "C2'"  1 
ATOM   396 C "C1'"  . DG  B 2 3  ? 3.790   6.473   6.123   1.00 0.00 ? 13 DG  B "C1'"  1 
ATOM   397 N N9     . DG  B 2 3  ? 4.004   6.397   4.683   1.00 0.00 ? 13 DG  B N9     1 
ATOM   398 C C8     . DG  B 2 3  ? 5.092   5.977   3.998   1.00 0.00 ? 13 DG  B C8     1 
ATOM   399 N N7     . DG  B 2 3  ? 4.990   6.075   2.702   1.00 0.00 ? 13 DG  B N7     1 
ATOM   400 C C5     . DG  B 2 3  ? 3.693   6.557   2.533   1.00 0.00 ? 13 DG  B C5     1 
ATOM   401 C C6     . DG  B 2 3  ? 2.980   6.870   1.358   1.00 0.00 ? 13 DG  B C6     1 
ATOM   402 O O6     . DG  B 2 3  ? 3.386   6.837   0.202   1.00 0.00 ? 13 DG  B O6     1 
ATOM   403 N N1     . DG  B 2 3  ? 1.678   7.265   1.636   1.00 0.00 ? 13 DG  B N1     1 
ATOM   404 C C2     . DG  B 2 3  ? 1.157   7.439   2.902   1.00 0.00 ? 13 DG  B C2     1 
ATOM   405 N N2     . DG  B 2 3  ? -0.111  7.830   3.007   1.00 0.00 ? 13 DG  B N2     1 
ATOM   406 N N3     . DG  B 2 3  ? 1.853   7.218   4.005   1.00 0.00 ? 13 DG  B N3     1 
ATOM   407 C C4     . DG  B 2 3  ? 3.093   6.755   3.744   1.00 0.00 ? 13 DG  B C4     1 
ATOM   408 H "H5'"  . DG  B 2 3  ? 6.376   8.081   8.632   1.00 0.00 ? 13 DG  B "H5'"  1 
ATOM   409 H "H5''" . DG  B 2 3  ? 6.268   6.487   9.439   1.00 0.00 ? 13 DG  B "H5''" 1 
ATOM   410 H "H4'"  . DG  B 2 3  ? 4.135   7.729   8.757   1.00 0.00 ? 13 DG  B "H4'"  1 
ATOM   411 H "H3'"  . DG  B 2 3  ? 4.574   5.045   8.978   1.00 0.00 ? 13 DG  B "H3'"  1 
ATOM   412 H "H2'"  . DG  B 2 3  ? 5.194   4.942   6.750   1.00 0.00 ? 13 DG  B "H2'"  1 
ATOM   413 H "H2''" . DG  B 2 3  ? 3.438   4.443   6.681   1.00 0.00 ? 13 DG  B "H2''" 1 
ATOM   414 H "H1'"  . DG  B 2 3  ? 2.744   6.673   6.273   1.00 0.00 ? 13 DG  B "H1'"  1 
ATOM   415 H H8     . DG  B 2 3  ? 5.926   5.585   4.565   1.00 0.00 ? 13 DG  B H8     1 
ATOM   416 H H1     . DG  B 2 3  ? 1.067   7.417   0.846   1.00 0.00 ? 13 DG  B H1     1 
ATOM   417 H H21    . DG  B 2 3  ? -0.711  7.818   2.192   1.00 0.00 ? 13 DG  B H21    1 
ATOM   418 H H22    . DG  B 2 3  ? -0.499  8.013   3.921   1.00 0.00 ? 13 DG  B H22    1 
ATOM   419 P P      . DT  B 2 4  ? 1.874   4.416   9.276   1.00 0.00 ? 14 DT  B P      1 
ATOM   420 O OP1    . DT  B 2 4  ? 1.555   4.706   10.691  1.00 0.00 ? 14 DT  B OP1    1 
ATOM   421 O OP2    . DT  B 2 4  ? 2.648   3.201   8.927   1.00 0.00 ? 14 DT  B OP2    1 
ATOM   422 O "O5'"  . DT  B 2 4  ? 0.507   4.400   8.422   1.00 0.00 ? 14 DT  B "O5'"  1 
ATOM   423 C "C5'"  . DT  B 2 4  ? -0.474  5.437   8.552   1.00 0.00 ? 14 DT  B "C5'"  1 
ATOM   424 C "C4'"  . DT  B 2 4  ? -1.348  5.550   7.242   1.00 0.00 ? 14 DT  B "C4'"  1 
ATOM   425 O "O4'"  . DT  B 2 4  ? -0.441  5.714   6.144   1.00 0.00 ? 14 DT  B "O4'"  1 
ATOM   426 C "C3'"  . DT  B 2 4  ? -2.126  4.254   6.998   1.00 0.00 ? 14 DT  B "C3'"  1 
ATOM   427 O "O3'"  . DT  B 2 4  ? -3.508  4.402   7.357   1.00 0.00 ? 14 DT  B "O3'"  1 
ATOM   428 C "C2'"  . DT  B 2 4  ? -1.845  3.961   5.511   1.00 0.00 ? 14 DT  B "C2'"  1 
ATOM   429 C "C1'"  . DT  B 2 4  ? -0.985  5.097   4.970   1.00 0.00 ? 14 DT  B "C1'"  1 
ATOM   430 N N1     . DT  B 2 4  ? 0.137   4.457   4.234   1.00 0.00 ? 14 DT  B N1     1 
ATOM   431 C C2     . DT  B 2 4  ? 0.193   4.526   2.856   1.00 0.00 ? 14 DT  B C2     1 
ATOM   432 O O2     . DT  B 2 4  ? -0.665  5.082   2.170   1.00 0.00 ? 14 DT  B O2     1 
ATOM   433 N N3     . DT  B 2 4  ? 1.284   3.911   2.270   1.00 0.00 ? 14 DT  B N3     1 
ATOM   434 C C4     . DT  B 2 4  ? 2.271   3.185   2.919   1.00 0.00 ? 14 DT  B C4     1 
ATOM   435 O O4     . DT  B 2 4  ? 3.215   2.699   2.293   1.00 0.00 ? 14 DT  B O4     1 
ATOM   436 C C5     . DT  B 2 4  ? 2.064   3.076   4.346   1.00 0.00 ? 14 DT  B C5     1 
ATOM   437 C C7     . DT  B 2 4  ? 2.934   2.104   5.155   1.00 0.00 ? 14 DT  B C7     1 
ATOM   438 C C6     . DT  B 2 4  ? 1.090   3.792   4.949   1.00 0.00 ? 14 DT  B C6     1 
ATOM   439 H "H5'"  . DT  B 2 4  ? 0.101   6.342   8.779   1.00 0.00 ? 14 DT  B "H5'"  1 
ATOM   440 H "H5''" . DT  B 2 4  ? -1.040  5.153   9.452   1.00 0.00 ? 14 DT  B "H5''" 1 
ATOM   441 H "H4'"  . DT  B 2 4  ? -2.081  6.358   7.103   1.00 0.00 ? 14 DT  B "H4'"  1 
ATOM   442 H "H3'"  . DT  B 2 4  ? -1.725  3.466   7.634   1.00 0.00 ? 14 DT  B "H3'"  1 
ATOM   443 H "H2'"  . DT  B 2 4  ? -1.254  3.039   5.474   1.00 0.00 ? 14 DT  B "H2'"  1 
ATOM   444 H "H2''" . DT  B 2 4  ? -2.687  3.849   4.832   1.00 0.00 ? 14 DT  B "H2''" 1 
ATOM   445 H "H1'"  . DT  B 2 4  ? -1.584  5.774   4.345   1.00 0.00 ? 14 DT  B "H1'"  1 
ATOM   446 H H3     . DT  B 2 4  ? 1.342   4.018   1.272   1.00 0.00 ? 14 DT  B H3     1 
ATOM   447 H H71    . DT  B 2 4  ? 2.283   1.366   5.627   1.00 0.00 ? 14 DT  B H71    1 
ATOM   448 H H72    . DT  B 2 4  ? 3.615   1.575   4.486   1.00 0.00 ? 14 DT  B H72    1 
ATOM   449 H H73    . DT  B 2 4  ? 3.512   2.610   5.923   1.00 0.00 ? 14 DT  B H73    1 
ATOM   450 H H6     . DT  B 2 4  ? 0.986   3.903   6.018   1.00 0.00 ? 14 DT  B H6     1 
ATOM   451 P P      . DG  B 2 5  ? -4.443  3.156   7.828   1.00 0.00 ? 15 DG  B P      1 
ATOM   452 O OP1    . DG  B 2 5  ? -5.271  3.599   8.974   1.00 0.00 ? 15 DG  B OP1    1 
ATOM   453 O OP2    . DG  B 2 5  ? -3.583  1.958   7.952   1.00 0.00 ? 15 DG  B OP2    1 
ATOM   454 O "O5'"  . DG  B 2 5  ? -5.405  2.973   6.546   1.00 0.00 ? 15 DG  B "O5'"  1 
ATOM   455 C "C5'"  . DG  B 2 5  ? -5.888  4.176   5.932   1.00 0.00 ? 15 DG  B "C5'"  1 
ATOM   456 C "C4'"  . DG  B 2 5  ? -6.197  4.066   4.442   1.00 0.00 ? 15 DG  B "C4'"  1 
ATOM   457 O "O4'"  . DG  B 2 5  ? -4.900  3.764   3.945   1.00 0.00 ? 15 DG  B "O4'"  1 
ATOM   458 C "C3'"  . DG  B 2 5  ? -7.202  2.966   4.083   1.00 0.00 ? 15 DG  B "C3'"  1 
ATOM   459 O "O3'"  . DG  B 2 5  ? -7.887  3.220   2.839   1.00 0.00 ? 15 DG  B "O3'"  1 
ATOM   460 C "C2'"  . DG  B 2 5  ? -6.217  1.819   4.062   1.00 0.00 ? 15 DG  B "C2'"  1 
ATOM   461 C "C1'"  . DG  B 2 5  ? -4.962  2.451   3.453   1.00 0.00 ? 15 DG  B "C1'"  1 
ATOM   462 N N9     . DG  B 2 5  ? -3.658  1.800   3.623   1.00 0.00 ? 15 DG  B N9     1 
ATOM   463 C C8     . DG  B 2 5  ? -3.048  1.262   4.718   1.00 0.00 ? 15 DG  B C8     1 
ATOM   464 N N7     . DG  B 2 5  ? -1.813  0.881   4.509   1.00 0.00 ? 15 DG  B N7     1 
ATOM   465 C C5     . DG  B 2 5  ? -1.624  1.140   3.150   1.00 0.00 ? 15 DG  B C5     1 
ATOM   466 C C6     . DG  B 2 5  ? -0.487  0.971   2.313   1.00 0.00 ? 15 DG  B C6     1 
ATOM   467 O O6     . DG  B 2 5  ? 0.656   0.646   2.612   1.00 0.00 ? 15 DG  B O6     1 
ATOM   468 N N1     . DG  B 2 5  ? -0.788  1.268   0.992   1.00 0.00 ? 15 DG  B N1     1 
ATOM   469 C C2     . DG  B 2 5  ? -1.991  1.740   0.538   1.00 0.00 ? 15 DG  B C2     1 
ATOM   470 N N2     . DG  B 2 5  ? -2.154  1.863   -0.774  1.00 0.00 ? 15 DG  B N2     1 
ATOM   471 N N3     . DG  B 2 5  ? -2.999  2.042   1.339   1.00 0.00 ? 15 DG  B N3     1 
ATOM   472 C C4     . DG  B 2 5  ? -2.761  1.673   2.613   1.00 0.00 ? 15 DG  B C4     1 
ATOM   473 H "H5'"  . DG  B 2 5  ? -4.948  4.745   5.954   1.00 0.00 ? 15 DG  B "H5'"  1 
ATOM   474 H "H5''" . DG  B 2 5  ? -6.741  4.554   6.499   1.00 0.00 ? 15 DG  B "H5''" 1 
ATOM   475 H "H4'"  . DG  B 2 5  ? -6.526  4.957   3.891   1.00 0.00 ? 15 DG  B "H4'"  1 
ATOM   476 H "H3'"  . DG  B 2 5  ? -7.990  2.901   4.841   1.00 0.00 ? 15 DG  B "H3'"  1 
ATOM   477 H "H2'"  . DG  B 2 5  ? -6.058  1.560   5.114   1.00 0.00 ? 15 DG  B "H2'"  1 
ATOM   478 H "H2''" . DG  B 2 5  ? -6.593  0.984   3.475   1.00 0.00 ? 15 DG  B "H2''" 1 
ATOM   479 H "H1'"  . DG  B 2 5  ? -5.063  2.711   2.421   1.00 0.00 ? 15 DG  B "H1'"  1 
ATOM   480 H H8     . DG  B 2 5  ? -3.595  1.167   5.654   1.00 0.00 ? 15 DG  B H8     1 
ATOM   481 H H1     . DG  B 2 5  ? -0.081  1.124   0.292   1.00 0.00 ? 15 DG  B H1     1 
ATOM   482 H H21    . DG  B 2 5  ? -1.473  1.496   -1.423  1.00 0.00 ? 15 DG  B H21    1 
ATOM   483 H H22    . DG  B 2 5  ? -3.042  2.211   -1.103  1.00 0.00 ? 15 DG  B H22    1 
ATOM   484 P P      . DC  B 2 6  ? -8.518  2.080   1.865   1.00 0.00 ? 16 DC  B P      1 
ATOM   485 O OP1    . DC  B 2 6  ? -9.666  2.638   1.113   1.00 0.00 ? 16 DC  B OP1    1 
ATOM   486 O OP2    . DC  B 2 6  ? -8.664  0.816   2.626   1.00 0.00 ? 16 DC  B OP2    1 
ATOM   487 O "O5'"  . DC  B 2 6  ? -7.299  1.906   0.827   1.00 0.00 ? 16 DC  B "O5'"  1 
ATOM   488 C "C5'"  . DC  B 2 6  ? -6.989  3.007   -0.037  1.00 0.00 ? 16 DC  B "C5'"  1 
ATOM   489 C "C4'"  . DC  B 2 6  ? -6.254  2.530   -1.336  1.00 0.00 ? 16 DC  B "C4'"  1 
ATOM   490 O "O4'"  . DC  B 2 6  ? -4.977  1.929   -1.080  1.00 0.00 ? 16 DC  B "O4'"  1 
ATOM   491 C "C3'"  . DC  B 2 6  ? -7.085  1.539   -2.150  1.00 0.00 ? 16 DC  B "C3'"  1 
ATOM   492 O "O3'"  . DC  B 2 6  ? -7.146  1.815   -3.560  1.00 0.00 ? 16 DC  B "O3'"  1 
ATOM   493 C "C2'"  . DC  B 2 6  ? -6.391  0.240   -1.846  1.00 0.00 ? 16 DC  B "C2'"  1 
ATOM   494 C "C1'"  . DC  B 2 6  ? -4.928  0.584   -1.586  1.00 0.00 ? 16 DC  B "C1'"  1 
ATOM   495 N N1     . DC  B 2 6  ? -4.315  -0.225  -0.484  1.00 0.00 ? 16 DC  B N1     1 
ATOM   496 C C2     . DC  B 2 6  ? -3.184  -1.009  -0.721  1.00 0.00 ? 16 DC  B C2     1 
ATOM   497 O O2     . DC  B 2 6  ? -2.741  -1.137  -1.860  1.00 0.00 ? 16 DC  B O2     1 
ATOM   498 N N3     . DC  B 2 6  ? -2.589  -1.632  0.340   1.00 0.00 ? 16 DC  B N3     1 
ATOM   499 C C4     . DC  B 2 6  ? -3.084  -1.520  1.585   1.00 0.00 ? 16 DC  B C4     1 
ATOM   500 N N4     . DC  B 2 6  ? -2.481  -2.113  2.617   1.00 0.00 ? 16 DC  B N4     1 
ATOM   501 C C5     . DC  B 2 6  ? -4.261  -0.766  1.843   1.00 0.00 ? 16 DC  B C5     1 
ATOM   502 C C6     . DC  B 2 6  ? -4.866  -0.157  0.765   1.00 0.00 ? 16 DC  B C6     1 
ATOM   503 H "H5'"  . DC  B 2 6  ? -6.415  3.714   0.575   1.00 0.00 ? 16 DC  B "H5'"  1 
ATOM   504 H "H5''" . DC  B 2 6  ? -7.949  3.498   -0.257  1.00 0.00 ? 16 DC  B "H5''" 1 
ATOM   505 H "H4'"  . DC  B 2 6  ? -5.964  3.300   -2.039  1.00 0.00 ? 16 DC  B "H4'"  1 
ATOM   506 H "H3'"  . DC  B 2 6  ? -8.116  1.549   -1.793  1.00 0.00 ? 16 DC  B "H3'"  1 
ATOM   507 H "H2'"  . DC  B 2 6  ? -6.878  -0.151  -0.954  1.00 0.00 ? 16 DC  B "H2'"  1 
ATOM   508 H "H2''" . DC  B 2 6  ? -6.474  -0.406  -2.716  1.00 0.00 ? 16 DC  B "H2''" 1 
ATOM   509 H "H1'"  . DC  B 2 6  ? -4.378  0.539   -2.531  1.00 0.00 ? 16 DC  B "H1'"  1 
ATOM   510 H H41    . DC  B 2 6  ? -1.558  -2.514  2.530   1.00 0.00 ? 16 DC  B H41    1 
ATOM   511 H H42    . DC  B 2 6  ? -2.914  -2.085  3.530   1.00 0.00 ? 16 DC  B H42    1 
ATOM   512 H H5     . DC  B 2 6  ? -4.639  -0.658  2.835   1.00 0.00 ? 16 DC  B H5     1 
ATOM   513 H H6     . DC  B 2 6  ? -5.780  0.386   0.905   1.00 0.00 ? 16 DC  B H6     1 
ATOM   514 P P      . DC  B 2 7  ? -7.985  0.859   -4.572  1.00 0.00 ? 17 DC  B P      1 
ATOM   515 O OP1    . DC  B 2 7  ? -8.301  1.650   -5.783  1.00 0.00 ? 17 DC  B OP1    1 
ATOM   516 O OP2    . DC  B 2 7  ? -9.079  0.219   -3.806  1.00 0.00 ? 17 DC  B OP2    1 
ATOM   517 O "O5'"  . DC  B 2 7  ? -6.893  -0.272  -4.958  1.00 0.00 ? 17 DC  B "O5'"  1 
ATOM   518 C "C5'"  . DC  B 2 7  ? -5.785  0.056   -5.813  1.00 0.00 ? 17 DC  B "C5'"  1 
ATOM   519 C "C4'"  . DC  B 2 7  ? -4.800  -1.095  -6.020  1.00 0.00 ? 17 DC  B "C4'"  1 
ATOM   520 O "O4'"  . DC  B 2 7  ? -4.240  -1.511  -4.782  1.00 0.00 ? 17 DC  B "O4'"  1 
ATOM   521 C "C3'"  . DC  B 2 7  ? -5.458  -2.304  -6.669  1.00 0.00 ? 17 DC  B "C3'"  1 
ATOM   522 O "O3'"  . DC  B 2 7  ? -5.223  -2.469  -8.072  1.00 0.00 ? 17 DC  B "O3'"  1 
ATOM   523 C "C2'"  . DC  B 2 7  ? -4.943  -3.460  -5.813  1.00 0.00 ? 17 DC  B "C2'"  1 
ATOM   524 C "C1'"  . DC  B 2 7  ? -3.880  -2.893  -4.883  1.00 0.00 ? 17 DC  B "C1'"  1 
ATOM   525 N N1     . DC  B 2 7  ? -4.005  -3.348  -3.481  1.00 0.00 ? 17 DC  B N1     1 
ATOM   526 C C2     . DC  B 2 7  ? -3.002  -4.058  -2.827  1.00 0.00 ? 17 DC  B C2     1 
ATOM   527 O O2     . DC  B 2 7  ? -1.973  -4.405  -3.400  1.00 0.00 ? 17 DC  B O2     1 
ATOM   528 N N3     . DC  B 2 7  ? -3.193  -4.355  -1.513  1.00 0.00 ? 17 DC  B N3     1 
ATOM   529 C C4     . DC  B 2 7  ? -4.299  -3.964  -0.860  1.00 0.00 ? 17 DC  B C4     1 
ATOM   530 N N4     . DC  B 2 7  ? -4.405  -4.144  0.450   1.00 0.00 ? 17 DC  B N4     1 
ATOM   531 C C5     . DC  B 2 7  ? -5.366  -3.318  -1.534  1.00 0.00 ? 17 DC  B C5     1 
ATOM   532 C C6     . DC  B 2 7  ? -5.149  -3.006  -2.849  1.00 0.00 ? 17 DC  B C6     1 
ATOM   533 H "H5'"  . DC  B 2 7  ? -5.226  0.865   -5.351  1.00 0.00 ? 17 DC  B "H5'"  1 
ATOM   534 H "H5''" . DC  B 2 7  ? -6.194  0.367   -6.778  1.00 0.00 ? 17 DC  B "H5''" 1 
ATOM   535 H "H4'"  . DC  B 2 7  ? -3.920  -0.802  -6.563  1.00 0.00 ? 17 DC  B "H4'"  1 
ATOM   536 H "H3'"  . DC  B 2 7  ? -6.533  -2.201  -6.547  1.00 0.00 ? 17 DC  B "H3'"  1 
ATOM   537 H "H2'"  . DC  B 2 7  ? -5.813  -3.802  -5.267  1.00 0.00 ? 17 DC  B "H2'"  1 
ATOM   538 H "H2''" . DC  B 2 7  ? -4.528  -4.282  -6.396  1.00 0.00 ? 17 DC  B "H2''" 1 
ATOM   539 H "H1'"  . DC  B 2 7  ? -2.908  -3.085  -5.318  1.00 0.00 ? 17 DC  B "H1'"  1 
ATOM   540 H H41    . DC  B 2 7  ? -3.627  -4.495  1.000   1.00 0.00 ? 17 DC  B H41    1 
ATOM   541 H H42    . DC  B 2 7  ? -5.235  -3.819  0.920   1.00 0.00 ? 17 DC  B H42    1 
ATOM   542 H H5     . DC  B 2 7  ? -6.294  -3.075  -1.075  1.00 0.00 ? 17 DC  B H5     1 
ATOM   543 H H6     . DC  B 2 7  ? -5.848  -2.466  -3.441  1.00 0.00 ? 17 DC  B H6     1 
ATOM   544 P P      . DT  B 2 8  ? -5.795  -3.810  -8.780  1.00 0.00 ? 18 DT  B P      1 
ATOM   545 O OP1    . DT  B 2 8  ? -5.655  -3.696  -10.251 1.00 0.00 ? 18 DT  B OP1    1 
ATOM   546 O OP2    . DT  B 2 8  ? -7.111  -4.122  -8.173  1.00 0.00 ? 18 DT  B OP2    1 
ATOM   547 O "O5'"  . DT  B 2 8  ? -4.698  -4.898  -8.272  1.00 0.00 ? 18 DT  B "O5'"  1 
ATOM   548 C "C5'"  . DT  B 2 8  ? -3.327  -4.626  -8.610  1.00 0.00 ? 18 DT  B "C5'"  1 
ATOM   549 C "C4'"  . DT  B 2 8  ? -2.272  -5.539  -7.970  1.00 0.00 ? 18 DT  B "C4'"  1 
ATOM   550 O "O4'"  . DT  B 2 8  ? -2.372  -5.459  -6.551  1.00 0.00 ? 18 DT  B "O4'"  1 
ATOM   551 C "C3'"  . DT  B 2 8  ? -2.403  -6.996  -8.371  1.00 0.00 ? 18 DT  B "C3'"  1 
ATOM   552 O "O3'"  . DT  B 2 8  ? -1.680  -7.263  -9.596  1.00 0.00 ? 18 DT  B "O3'"  1 
ATOM   553 C "C2'"  . DT  B 2 8  ? -1.838  -7.667  -7.096  1.00 0.00 ? 18 DT  B "C2'"  1 
ATOM   554 C "C1'"  . DT  B 2 8  ? -1.708  -6.607  -6.007  1.00 0.00 ? 18 DT  B "C1'"  1 
ATOM   555 N N1     . DT  B 2 8  ? -2.476  -6.960  -4.788  1.00 0.00 ? 18 DT  B N1     1 
ATOM   556 C C2     . DT  B 2 8  ? -1.828  -7.358  -3.632  1.00 0.00 ? 18 DT  B C2     1 
ATOM   557 O O2     . DT  B 2 8  ? -0.613  -7.529  -3.537  1.00 0.00 ? 18 DT  B O2     1 
ATOM   558 N N3     . DT  B 2 8  ? -2.651  -7.555  -2.548  1.00 0.00 ? 18 DT  B N3     1 
ATOM   559 C C4     . DT  B 2 8  ? -4.017  -7.372  -2.485  1.00 0.00 ? 18 DT  B C4     1 
ATOM   560 O O4     . DT  B 2 8  ? -4.622  -7.565  -1.431  1.00 0.00 ? 18 DT  B O4     1 
ATOM   561 C C5     . DT  B 2 8  ? -4.599  -6.951  -3.728  1.00 0.00 ? 18 DT  B C5     1 
ATOM   562 C C7     . DT  B 2 8  ? -6.086  -6.592  -3.772  1.00 0.00 ? 18 DT  B C7     1 
ATOM   563 C C6     . DT  B 2 8  ? -3.833  -6.852  -4.828  1.00 0.00 ? 18 DT  B C6     1 
ATOM   564 H "H5'"  . DT  B 2 8  ? -3.147  -3.617  -8.235  1.00 0.00 ? 18 DT  B "H5'"  1 
ATOM   565 H "H5''" . DT  B 2 8  ? -3.255  -4.681  -9.694  1.00 0.00 ? 18 DT  B "H5''" 1 
ATOM   566 H "H4'"  . DT  B 2 8  ? -1.256  -5.250  -8.207  1.00 0.00 ? 18 DT  B "H4'"  1 
ATOM   567 H "H3'"  . DT  B 2 8  ? -3.460  -7.209  -8.527  1.00 0.00 ? 18 DT  B "H3'"  1 
ATOM   568 H "H2'"  . DT  B 2 8  ? -2.581  -8.354  -6.704  1.00 0.00 ? 18 DT  B "H2'"  1 
ATOM   569 H "H2''" . DT  B 2 8  ? -0.870  -8.157  -7.217  1.00 0.00 ? 18 DT  B "H2''" 1 
ATOM   570 H "H1'"  . DT  B 2 8  ? -0.658  -6.405  -5.778  1.00 0.00 ? 18 DT  B "H1'"  1 
ATOM   571 H H3     . DT  B 2 8  ? -2.196  -7.866  -1.701  1.00 0.00 ? 18 DT  B H3     1 
ATOM   572 H H71    . DT  B 2 8  ? -6.524  -6.737  -2.783  1.00 0.00 ? 18 DT  B H71    1 
ATOM   573 H H72    . DT  B 2 8  ? -6.188  -5.538  -4.035  1.00 0.00 ? 18 DT  B H72    1 
ATOM   574 H H73    . DT  B 2 8  ? -6.604  -7.211  -4.499  1.00 0.00 ? 18 DT  B H73    1 
ATOM   575 H H6     . DT  B 2 8  ? -4.207  -6.693  -5.815  1.00 0.00 ? 18 DT  B H6     1 
ATOM   576 P P      . DG  B 2 9  ? -1.894  -8.574  -10.540 1.00 0.00 ? 19 DG  B P      1 
ATOM   577 O OP1    . DG  B 2 9  ? -1.412  -8.261  -11.905 1.00 0.00 ? 19 DG  B OP1    1 
ATOM   578 O OP2    . DG  B 2 9  ? -3.275  -9.066  -10.335 1.00 0.00 ? 19 DG  B OP2    1 
ATOM   579 O "O5'"  . DG  B 2 9  ? -0.880  -9.623  -9.870  1.00 0.00 ? 19 DG  B "O5'"  1 
ATOM   580 C "C5'"  . DG  B 2 9  ? 0.471   -9.198  -9.688  1.00 0.00 ? 19 DG  B "C5'"  1 
ATOM   581 C "C4'"  . DG  B 2 9  ? 1.201   -9.909  -8.573  1.00 0.00 ? 19 DG  B "C4'"  1 
ATOM   582 O "O4'"  . DG  B 2 9  ? 0.452   -9.703  -7.363  1.00 0.00 ? 19 DG  B "O4'"  1 
ATOM   583 C "C3'"  . DG  B 2 9  ? 1.336   -11.407 -8.804  1.00 0.00 ? 19 DG  B "C3'"  1 
ATOM   584 O "O3'"  . DG  B 2 9  ? 2.442   -11.973 -8.085  1.00 0.00 ? 19 DG  B "O3'"  1 
ATOM   585 C "C2'"  . DG  B 2 9  ? 0.002   -11.782 -8.236  1.00 0.00 ? 19 DG  B "C2'"  1 
ATOM   586 C "C1'"  . DG  B 2 9  ? -0.005  -10.990 -6.956  1.00 0.00 ? 19 DG  B "C1'"  1 
ATOM   587 N N9     . DG  B 2 9  ? -1.266  -10.982 -6.216  1.00 0.00 ? 19 DG  B N9     1 
ATOM   588 C C8     . DG  B 2 9  ? -2.550  -10.891 -6.654  1.00 0.00 ? 19 DG  B C8     1 
ATOM   589 N N7     . DG  B 2 9  ? -3.437  -10.814 -5.694  1.00 0.00 ? 19 DG  B N7     1 
ATOM   590 C C5     . DG  B 2 9  ? -2.660  -10.922 -4.538  1.00 0.00 ? 19 DG  B C5     1 
ATOM   591 C C6     . DG  B 2 9  ? -3.028  -10.905 -3.166  1.00 0.00 ? 19 DG  B C6     1 
ATOM   592 O O6     . DG  B 2 9  ? -4.136  -10.741 -2.666  1.00 0.00 ? 19 DG  B O6     1 
ATOM   593 N N1     . DG  B 2 9  ? -1.925  -11.097 -2.343  1.00 0.00 ? 19 DG  B N1     1 
ATOM   594 C C2     . DG  B 2 9  ? -0.627  -11.251 -2.779  1.00 0.00 ? 19 DG  B C2     1 
ATOM   595 N N2     . DG  B 2 9  ? 0.306   -11.506 -1.870  1.00 0.00 ? 19 DG  B N2     1 
ATOM   596 N N3     . DG  B 2 9  ? -0.272  -11.189 -4.054  1.00 0.00 ? 19 DG  B N3     1 
ATOM   597 C C4     . DG  B 2 9  ? -1.339  -11.050 -4.867  1.00 0.00 ? 19 DG  B C4     1 
ATOM   598 H "H5'"  . DG  B 2 9  ? 0.420   -8.187  -9.324  1.00 0.00 ? 19 DG  B "H5'"  1 
ATOM   599 H "H5''" . DG  B 2 9  ? 1.001   -9.258  -10.632 1.00 0.00 ? 19 DG  B "H5''" 1 
ATOM   600 H "H4'"  . DG  B 2 9  ? 2.181   -9.474  -8.452  1.00 0.00 ? 19 DG  B "H4'"  1 
ATOM   601 H "H3'"  . DG  B 2 9  ? 1.482   -11.590 -9.858  1.00 0.00 ? 19 DG  B "H3'"  1 
ATOM   602 H "H2'"  . DG  B 2 9  ? -0.750  -11.359 -8.904  1.00 0.00 ? 19 DG  B "H2'"  1 
ATOM   603 H "H2''" . DG  B 2 9  ? -0.146  -12.842 -8.089  1.00 0.00 ? 19 DG  B "H2''" 1 
ATOM   604 H "H1'"  . DG  B 2 9  ? 0.763   -11.347 -6.287  1.00 0.00 ? 19 DG  B "H1'"  1 
ATOM   605 H H8     . DG  B 2 9  ? -2.740  -10.905 -7.730  1.00 0.00 ? 19 DG  B H8     1 
ATOM   606 H H1     . DG  B 2 9  ? -2.097  -11.134 -1.347  1.00 0.00 ? 19 DG  B H1     1 
ATOM   607 H H21    . DG  B 2 9  ? 0.060   -11.672 -0.904  1.00 0.00 ? 19 DG  B H21    1 
ATOM   608 H H22    . DG  B 2 9  ? 1.236   -11.682 -2.209  1.00 0.00 ? 19 DG  B H22    1 
ATOM   609 P P      . DA  B 2 10 ? 2.816   -13.552 -8.037  1.00 0.00 ? 20 DA  B P      1 
ATOM   610 O OP1    . DA  B 2 10 ? 4.172   -13.733 -8.601  1.00 0.00 ? 20 DA  B OP1    1 
ATOM   611 O OP2    . DA  B 2 10 ? 1.680   -14.337 -8.569  1.00 0.00 ? 20 DA  B OP2    1 
ATOM   612 O "O5'"  . DA  B 2 10 ? 2.871   -13.781 -6.437  1.00 0.00 ? 20 DA  B "O5'"  1 
ATOM   613 C "C5'"  . DA  B 2 10 ? 3.713   -12.908 -5.678  1.00 0.00 ? 20 DA  B "C5'"  1 
ATOM   614 C "C4'"  . DA  B 2 10 ? 3.581   -12.998 -4.158  1.00 0.00 ? 20 DA  B "C4'"  1 
ATOM   615 O "O4'"  . DA  B 2 10 ? 2.210   -12.765 -3.832  1.00 0.00 ? 20 DA  B "O4'"  1 
ATOM   616 C "C3'"  . DA  B 2 10 ? 3.980   -14.354 -3.564  1.00 0.00 ? 20 DA  B "C3'"  1 
ATOM   617 O "O3'"  . DA  B 2 10 ? 4.311   -14.176 -2.187  1.00 0.00 ? 20 DA  B "O3'"  1 
ATOM   618 C "C2'"  . DA  B 2 10 ? 2.655   -15.059 -3.675  1.00 0.00 ? 20 DA  B "C2'"  1 
ATOM   619 C "C1'"  . DA  B 2 10 ? 1.688   -13.971 -3.278  1.00 0.00 ? 20 DA  B "C1'"  1 
ATOM   620 N N9     . DA  B 2 10 ? 0.320   -14.199 -3.751  1.00 0.00 ? 20 DA  B N9     1 
ATOM   621 C C8     . DA  B 2 10 ? -0.129  -14.321 -5.031  1.00 0.00 ? 20 DA  B C8     1 
ATOM   622 N N7     . DA  B 2 10 ? -1.429  -14.346 -5.142  1.00 0.00 ? 20 DA  B N7     1 
ATOM   623 C C5     . DA  B 2 10 ? -1.857  -14.302 -3.815  1.00 0.00 ? 20 DA  B C5     1 
ATOM   624 C C6     . DA  B 2 10 ? -3.119  -14.259 -3.218  1.00 0.00 ? 20 DA  B C6     1 
ATOM   625 N N6     . DA  B 2 10 ? -4.255  -14.173 -3.897  1.00 0.00 ? 20 DA  B N6     1 
ATOM   626 N N1     . DA  B 2 10 ? -3.171  -14.277 -1.879  1.00 0.00 ? 20 DA  B N1     1 
ATOM   627 C C2     . DA  B 2 10 ? -2.053  -14.253 -1.172  1.00 0.00 ? 20 DA  B C2     1 
ATOM   628 N N3     . DA  B 2 10 ? -0.812  -14.239 -1.615  1.00 0.00 ? 20 DA  B N3     1 
ATOM   629 C C4     . DA  B 2 10 ? -0.791  -14.272 -2.963  1.00 0.00 ? 20 DA  B C4     1 
ATOM   630 H "H5'"  . DA  B 2 10 ? 3.443   -11.897 -5.969  1.00 0.00 ? 20 DA  B "H5'"  1 
ATOM   631 H "H5''" . DA  B 2 10 ? 4.729   -13.145 -5.957  1.00 0.00 ? 20 DA  B "H5''" 1 
ATOM   632 H "H4'"  . DA  B 2 10 ? 4.118   -12.208 -3.632  1.00 0.00 ? 20 DA  B "H4'"  1 
ATOM   633 H "H3'"  . DA  B 2 10 ? 4.815   -14.797 -4.114  1.00 0.00 ? 20 DA  B "H3'"  1 
ATOM   634 H "HO3'" . DA  B 2 10 ? 4.565   -15.034 -1.841  1.00 0.00 ? 20 DA  B "HO3'" 1 
ATOM   635 H "H2'"  . DA  B 2 10 ? 2.513   -15.330 -4.716  1.00 0.00 ? 20 DA  B "H2'"  1 
ATOM   636 H "H2''" . DA  B 2 10 ? 2.516   -15.920 -3.021  1.00 0.00 ? 20 DA  B "H2''" 1 
ATOM   637 H "H1'"  . DA  B 2 10 ? 1.706   -13.785 -2.218  1.00 0.00 ? 20 DA  B "H1'"  1 
ATOM   638 H H8     . DA  B 2 10 ? 0.580   -14.396 -5.856  1.00 0.00 ? 20 DA  B H8     1 
ATOM   639 H H61    . DA  B 2 10 ? -5.095  -13.986 -3.367  1.00 0.00 ? 20 DA  B H61    1 
ATOM   640 H H62    . DA  B 2 10 ? -4.270  -14.258 -4.903  1.00 0.00 ? 20 DA  B H62    1 
ATOM   641 H H2     . DA  B 2 10 ? -2.164  -14.237 -0.090  1.00 0.00 ? 20 DA  B H2     1 
# 
